data_5FNZ
#
_entry.id   5FNZ
#
_cell.length_a   133.477
_cell.length_b   133.477
_cell.length_c   133.477
_cell.angle_alpha   90.00
_cell.angle_beta   90.00
_cell.angle_gamma   90.00
#
_symmetry.space_group_name_H-M   'P 21 3'
#
loop_
_entity.id
_entity.type
_entity.pdbx_description
1 polymer 'RIBOFLAVIN BIOSYNTHESIS PROTEIN RIBF'
2 non-polymer PYROPHOSPHATE
3 non-polymer 'SULFATE ION'
4 water water
#
_entity_poly.entity_id   1
_entity_poly.type   'polypeptide(L)'
_entity_poly.pdbx_seq_one_letter_code
;MDIWYGTAAVPKDLDNSAVTIGVFDGVHRGHQKLINATVEKAREVGAKAIMVTFDPHPVSVFLPRRAPLGITTLAERFAL
AESFGIDGVLVIDFTRELSGTSPEKYVEFLLEDTLHASHVVVGANFTFGENAAGTADSLRQICQSRLTVDVIDLLDDEGV
RISSTTVREFLSEGDVARANWALGRHFYVTGPVVRGAGRGGKELGWPTANQYFHDTVALPADGVYAGWLTILPTEAPVSG
NMEPEVAYAAAISVGTNPTFGDEQRSVESFVLDRDADLYGHDVKVEFVDHVRAMEKFDSVEQLLEVMAKDVQKTRTLLAQ
DVQAHKMAPETYFLQAES
;
_entity_poly.pdbx_strand_id   A,B
#
loop_
_chem_comp.id
_chem_comp.type
_chem_comp.name
_chem_comp.formula
PPV non-polymer PYROPHOSPHATE 'H4 O7 P2'
SO4 non-polymer 'SULFATE ION' 'O4 S -2'
#
# COMPACT_ATOMS: atom_id res chain seq x y z
N MET A 1 1.41 -10.31 -17.68
CA MET A 1 2.68 -9.78 -18.23
C MET A 1 3.84 -10.20 -17.31
N ASP A 2 4.89 -10.76 -17.90
CA ASP A 2 6.11 -11.06 -17.18
C ASP A 2 6.91 -9.79 -17.01
N ILE A 3 7.64 -9.74 -15.89
CA ILE A 3 8.60 -8.66 -15.63
C ILE A 3 9.90 -9.34 -15.30
N TRP A 4 10.92 -9.05 -16.09
CA TRP A 4 12.24 -9.63 -15.85
C TRP A 4 13.24 -8.60 -15.49
N TYR A 5 14.03 -8.89 -14.46
CA TYR A 5 15.09 -8.01 -14.02
C TYR A 5 16.46 -8.50 -14.47
N GLY A 6 16.98 -7.89 -15.54
CA GLY A 6 18.29 -8.24 -16.10
C GLY A 6 18.18 -9.30 -17.16
N THR A 7 19.16 -9.37 -18.05
CA THR A 7 19.11 -10.28 -19.20
C THR A 7 19.07 -11.74 -18.81
N ALA A 8 19.73 -12.07 -17.69
CA ALA A 8 19.85 -13.46 -17.23
C ALA A 8 18.51 -14.06 -16.79
N ALA A 9 17.55 -13.20 -16.46
CA ALA A 9 16.24 -13.64 -15.98
C ALA A 9 15.28 -14.01 -17.12
N VAL A 10 15.56 -13.52 -18.33
CA VAL A 10 14.74 -13.81 -19.51
C VAL A 10 14.82 -15.32 -19.81
N PRO A 11 13.65 -15.99 -20.00
CA PRO A 11 13.68 -17.44 -20.28
C PRO A 11 14.55 -17.77 -21.49
N LYS A 12 15.30 -18.86 -21.41
CA LYS A 12 16.20 -19.24 -22.50
C LYS A 12 15.43 -19.80 -23.70
N ASP A 13 14.20 -20.23 -23.45
CA ASP A 13 13.39 -20.92 -24.46
C ASP A 13 12.44 -19.99 -25.24
N LEU A 14 12.42 -18.71 -24.87
CA LEU A 14 11.66 -17.69 -25.62
C LEU A 14 12.18 -17.66 -27.06
N ASP A 15 11.34 -18.01 -28.03
CA ASP A 15 11.85 -18.18 -29.38
C ASP A 15 11.66 -17.00 -30.35
N ASN A 16 10.70 -16.14 -30.07
CA ASN A 16 10.47 -14.98 -30.94
C ASN A 16 9.86 -13.79 -30.21
N SER A 17 10.29 -12.58 -30.58
CA SER A 17 9.74 -11.37 -29.99
C SER A 17 9.81 -10.14 -30.89
N ALA A 18 8.89 -9.22 -30.66
CA ALA A 18 8.98 -7.88 -31.24
C ALA A 18 9.26 -6.93 -30.08
N VAL A 19 10.34 -6.16 -30.21
CA VAL A 19 10.93 -5.43 -29.07
C VAL A 19 10.91 -3.91 -29.22
N THR A 20 10.54 -3.20 -28.15
CA THR A 20 10.73 -1.75 -28.14
C THR A 20 11.56 -1.32 -26.95
N ILE A 21 12.43 -0.32 -27.13
CA ILE A 21 13.43 0.06 -26.13
C ILE A 21 13.34 1.55 -25.77
N GLY A 22 13.11 1.85 -24.50
CA GLY A 22 13.19 3.23 -24.01
C GLY A 22 13.05 3.32 -22.51
N VAL A 23 13.30 4.50 -21.94
CA VAL A 23 13.00 4.76 -20.53
C VAL A 23 11.50 4.64 -20.32
N PHE A 24 10.73 5.17 -21.27
CA PHE A 24 9.27 5.10 -21.26
C PHE A 24 8.61 5.75 -20.05
N ASP A 25 9.26 6.77 -19.47
CA ASP A 25 8.74 7.42 -18.30
C ASP A 25 7.49 8.18 -18.67
N GLY A 26 6.40 7.86 -18.00
CA GLY A 26 5.14 8.53 -18.29
C GLY A 26 4.23 7.77 -19.23
N VAL A 27 4.82 6.89 -20.05
CA VAL A 27 4.12 6.25 -21.19
C VAL A 27 3.14 7.23 -21.83
N HIS A 28 3.69 8.32 -22.34
CA HIS A 28 2.91 9.33 -23.02
C HIS A 28 2.49 8.91 -24.43
N ARG A 29 1.94 9.83 -25.20
CA ARG A 29 1.36 9.45 -26.50
C ARG A 29 2.41 9.03 -27.54
N GLY A 30 3.60 9.61 -27.47
CA GLY A 30 4.71 9.14 -28.27
C GLY A 30 5.02 7.68 -27.94
N HIS A 31 5.19 7.39 -26.65
CA HIS A 31 5.45 6.04 -26.18
C HIS A 31 4.39 5.07 -26.63
N GLN A 32 3.15 5.51 -26.63
CA GLN A 32 2.05 4.68 -27.10
C GLN A 32 2.16 4.28 -28.58
N LYS A 33 2.67 5.17 -29.44
CA LYS A 33 2.92 4.83 -30.85
C LYS A 33 3.89 3.66 -30.98
N LEU A 34 4.96 3.67 -30.19
CA LEU A 34 5.98 2.63 -30.24
C LEU A 34 5.41 1.30 -29.76
N ILE A 35 4.74 1.33 -28.62
CA ILE A 35 4.07 0.15 -28.09
C ILE A 35 3.02 -0.35 -29.10
N ASN A 36 2.16 0.54 -29.59
CA ASN A 36 1.16 0.13 -30.59
C ASN A 36 1.77 -0.63 -31.78
N ALA A 37 2.79 -0.06 -32.42
CA ALA A 37 3.51 -0.69 -33.53
C ALA A 37 4.11 -2.04 -33.15
N THR A 38 4.66 -2.13 -31.94
CA THR A 38 5.28 -3.35 -31.45
C THR A 38 4.25 -4.44 -31.20
N VAL A 39 3.14 -4.08 -30.58
CA VAL A 39 2.08 -5.05 -30.24
C VAL A 39 1.49 -5.66 -31.52
N GLU A 40 1.18 -4.78 -32.47
CA GLU A 40 0.61 -5.18 -33.76
C GLU A 40 1.52 -6.17 -34.49
N LYS A 41 2.80 -5.84 -34.62
CA LYS A 41 3.73 -6.76 -35.26
C LYS A 41 3.88 -8.11 -34.51
N ALA A 42 3.83 -8.06 -33.18
CA ALA A 42 3.90 -9.30 -32.40
C ALA A 42 2.72 -10.21 -32.75
N ARG A 43 1.54 -9.62 -32.85
CA ARG A 43 0.29 -10.33 -33.19
C ARG A 43 0.41 -10.93 -34.59
N GLU A 44 0.97 -10.15 -35.52
CA GLU A 44 1.15 -10.56 -36.92
C GLU A 44 1.94 -11.86 -37.07
N VAL A 45 3.04 -11.97 -36.33
CA VAL A 45 3.93 -13.12 -36.43
C VAL A 45 3.65 -14.15 -35.33
N GLY A 46 2.76 -13.81 -34.40
CA GLY A 46 2.47 -14.69 -33.26
C GLY A 46 3.57 -14.73 -32.21
N ALA A 47 4.36 -13.66 -32.13
CA ALA A 47 5.41 -13.54 -31.12
C ALA A 47 4.97 -12.66 -29.95
N LYS A 48 5.85 -12.56 -28.95
CA LYS A 48 5.61 -11.77 -27.74
C LYS A 48 6.07 -10.32 -27.95
N ALA A 49 5.26 -9.37 -27.48
CA ALA A 49 5.61 -7.96 -27.52
C ALA A 49 6.39 -7.61 -26.25
N ILE A 50 7.67 -7.32 -26.41
CA ILE A 50 8.58 -7.00 -25.29
C ILE A 50 8.97 -5.53 -25.27
N MET A 51 8.89 -4.92 -24.10
CA MET A 51 9.50 -3.61 -23.83
C MET A 51 10.77 -3.82 -23.03
N VAL A 52 11.87 -3.27 -23.53
CA VAL A 52 13.09 -3.13 -22.74
C VAL A 52 13.06 -1.73 -22.12
N THR A 53 13.15 -1.66 -20.80
CA THR A 53 13.25 -0.37 -20.14
C THR A 53 14.37 -0.38 -19.09
N PHE A 54 14.52 0.73 -18.37
CA PHE A 54 15.70 0.97 -17.57
C PHE A 54 15.39 1.47 -16.18
N ASP A 55 16.13 0.95 -15.22
CA ASP A 55 15.98 1.33 -13.82
C ASP A 55 17.24 0.91 -13.12
N PRO A 56 17.96 1.86 -12.49
CA PRO A 56 17.62 3.27 -12.30
C PRO A 56 17.62 4.03 -13.61
N HIS A 57 17.10 5.25 -13.60
CA HIS A 57 17.17 6.08 -14.77
C HIS A 57 18.59 6.16 -15.28
N PRO A 58 18.80 5.90 -16.57
CA PRO A 58 20.13 5.96 -17.15
C PRO A 58 20.89 7.26 -16.85
N VAL A 59 20.19 8.38 -16.74
CA VAL A 59 20.84 9.63 -16.35
C VAL A 59 21.49 9.52 -14.96
N SER A 60 20.81 8.85 -14.02
CA SER A 60 21.32 8.76 -12.64
C SER A 60 22.52 7.83 -12.51
N VAL A 61 22.76 7.00 -13.53
CA VAL A 61 23.96 6.18 -13.58
C VAL A 61 25.20 7.07 -13.79
N PHE A 62 25.14 7.97 -14.78
CA PHE A 62 26.21 8.97 -15.05
C PHE A 62 26.28 10.13 -14.02
N LEU A 63 25.11 10.70 -13.67
CA LEU A 63 25.01 11.81 -12.74
C LEU A 63 24.09 11.51 -11.57
N PRO A 64 24.57 10.76 -10.57
CA PRO A 64 23.71 10.32 -9.47
C PRO A 64 22.90 11.45 -8.85
N ARG A 65 21.63 11.15 -8.56
CA ARG A 65 20.74 12.07 -7.83
C ARG A 65 20.37 13.35 -8.58
N ARG A 66 20.79 13.44 -9.85
CA ARG A 66 20.32 14.48 -10.79
C ARG A 66 19.56 13.81 -11.94
N ALA A 67 18.94 12.68 -11.64
CA ALA A 67 18.00 12.02 -12.53
C ALA A 67 16.77 12.91 -12.70
N PRO A 68 16.14 12.88 -13.88
CA PRO A 68 14.92 13.66 -14.04
C PRO A 68 13.81 13.06 -13.17
N LEU A 69 12.84 13.87 -12.78
CA LEU A 69 11.77 13.42 -11.90
C LEU A 69 10.96 12.34 -12.60
N GLY A 70 10.50 11.36 -11.83
CA GLY A 70 9.71 10.26 -12.38
C GLY A 70 8.25 10.63 -12.61
N ILE A 71 7.85 10.74 -13.87
CA ILE A 71 6.46 11.01 -14.21
C ILE A 71 5.55 9.89 -13.66
N THR A 72 5.98 8.64 -13.83
CA THR A 72 5.32 7.50 -13.19
C THR A 72 6.38 6.73 -12.42
N THR A 73 5.94 5.98 -11.42
CA THR A 73 6.81 5.06 -10.72
C THR A 73 7.12 3.88 -11.66
N LEU A 74 8.12 3.07 -11.31
CA LEU A 74 8.39 1.87 -12.09
C LEU A 74 7.16 0.96 -12.13
N ALA A 75 6.48 0.81 -10.99
CA ALA A 75 5.29 -0.04 -10.92
C ALA A 75 4.22 0.43 -11.89
N GLU A 76 3.99 1.74 -11.96
CA GLU A 76 2.99 2.25 -12.88
C GLU A 76 3.43 2.13 -14.33
N ARG A 77 4.72 2.24 -14.58
CA ARG A 77 5.23 1.99 -15.92
C ARG A 77 4.84 0.57 -16.38
N PHE A 78 5.02 -0.43 -15.50
CA PHE A 78 4.60 -1.80 -15.77
C PHE A 78 3.11 -1.88 -16.07
N ALA A 79 2.29 -1.22 -15.24
CA ALA A 79 0.83 -1.26 -15.37
C ALA A 79 0.41 -0.67 -16.71
N LEU A 80 1.03 0.45 -17.07
CA LEU A 80 0.70 1.11 -18.32
C LEU A 80 1.19 0.29 -19.50
N ALA A 81 2.39 -0.27 -19.39
CA ALA A 81 2.91 -1.10 -20.47
C ALA A 81 1.97 -2.28 -20.76
N GLU A 82 1.45 -2.90 -19.69
CA GLU A 82 0.49 -4.00 -19.78
C GLU A 82 -0.84 -3.56 -20.40
N SER A 83 -1.41 -2.47 -19.90
CA SER A 83 -2.70 -1.99 -20.39
C SER A 83 -2.69 -1.75 -21.91
N PHE A 84 -1.50 -1.55 -22.47
CA PHE A 84 -1.33 -1.31 -23.91
C PHE A 84 -0.88 -2.56 -24.67
N GLY A 85 -0.84 -3.69 -23.96
CA GLY A 85 -0.65 -4.99 -24.60
C GLY A 85 0.73 -5.62 -24.58
N ILE A 86 1.69 -4.99 -23.88
CA ILE A 86 3.03 -5.57 -23.72
C ILE A 86 2.98 -6.92 -22.99
N ASP A 87 3.75 -7.91 -23.46
CA ASP A 87 3.69 -9.27 -22.93
C ASP A 87 4.73 -9.52 -21.87
N GLY A 88 5.84 -8.80 -22.02
CA GLY A 88 6.97 -8.93 -21.14
C GLY A 88 7.73 -7.61 -21.06
N VAL A 89 8.17 -7.27 -19.86
CA VAL A 89 9.04 -6.11 -19.69
C VAL A 89 10.39 -6.60 -19.19
N LEU A 90 11.43 -6.28 -19.94
CA LEU A 90 12.79 -6.53 -19.50
C LEU A 90 13.34 -5.23 -18.91
N VAL A 91 13.78 -5.30 -17.65
CA VAL A 91 14.30 -4.13 -16.98
C VAL A 91 15.83 -4.23 -16.93
N ILE A 92 16.49 -3.20 -17.45
CA ILE A 92 17.95 -3.18 -17.49
C ILE A 92 18.49 -2.20 -16.46
N ASP A 93 19.41 -2.69 -15.63
CA ASP A 93 20.19 -1.84 -14.75
C ASP A 93 21.56 -1.61 -15.38
N PHE A 94 21.79 -0.41 -15.89
CA PHE A 94 23.10 -0.10 -16.49
C PHE A 94 24.30 -0.17 -15.51
N THR A 95 24.10 -0.19 -14.20
CA THR A 95 25.25 -0.41 -13.30
C THR A 95 25.64 -1.89 -13.22
N ARG A 96 24.86 -2.76 -13.86
CA ARG A 96 25.13 -4.20 -13.88
C ARG A 96 25.55 -4.73 -15.26
N GLU A 97 24.92 -4.25 -16.33
CA GLU A 97 25.22 -4.72 -17.68
C GLU A 97 24.93 -3.70 -18.80
N LEU A 98 25.45 -3.96 -20.00
CA LEU A 98 25.13 -3.18 -21.21
C LEU A 98 25.61 -1.71 -21.26
N SER A 99 26.59 -1.38 -20.44
CA SER A 99 27.17 -0.03 -20.45
C SER A 99 28.43 -0.02 -21.30
N GLY A 100 29.35 -0.94 -20.99
CA GLY A 100 30.63 -1.05 -21.71
C GLY A 100 30.50 -1.64 -23.11
N THR A 101 29.29 -2.10 -23.43
CA THR A 101 29.01 -2.87 -24.64
C THR A 101 28.89 -1.97 -25.87
N SER A 102 29.47 -2.42 -26.97
CA SER A 102 29.48 -1.65 -28.21
C SER A 102 28.15 -1.84 -28.95
N PRO A 103 27.78 -0.89 -29.83
CA PRO A 103 26.56 -1.04 -30.62
C PRO A 103 26.37 -2.44 -31.20
N GLU A 104 27.41 -2.96 -31.85
CA GLU A 104 27.37 -4.30 -32.45
C GLU A 104 27.09 -5.41 -31.41
N LYS A 105 27.85 -5.41 -30.33
CA LYS A 105 27.68 -6.43 -29.29
C LYS A 105 26.36 -6.30 -28.52
N TYR A 106 25.82 -5.09 -28.44
CA TYR A 106 24.52 -4.79 -27.83
C TYR A 106 23.38 -5.46 -28.60
N VAL A 107 23.31 -5.22 -29.90
CA VAL A 107 22.30 -5.85 -30.75
C VAL A 107 22.44 -7.37 -30.63
N GLU A 108 23.67 -7.85 -30.75
CA GLU A 108 23.95 -9.27 -30.64
C GLU A 108 23.50 -9.85 -29.29
N PHE A 109 23.86 -9.19 -28.19
CA PHE A 109 23.56 -9.72 -26.86
C PHE A 109 22.08 -9.57 -26.47
N LEU A 110 21.57 -8.34 -26.56
CA LEU A 110 20.23 -8.03 -26.08
C LEU A 110 19.17 -8.54 -27.03
N LEU A 111 19.26 -8.16 -28.28
CA LEU A 111 18.14 -8.38 -29.21
C LEU A 111 18.08 -9.81 -29.73
N GLU A 112 19.25 -10.39 -30.00
CA GLU A 112 19.31 -11.74 -30.56
C GLU A 112 19.40 -12.81 -29.47
N ASP A 113 20.56 -12.93 -28.83
CA ASP A 113 20.79 -13.95 -27.81
C ASP A 113 19.73 -13.93 -26.70
N THR A 114 19.42 -12.74 -26.17
CA THR A 114 18.52 -12.67 -25.02
C THR A 114 17.06 -12.72 -25.44
N LEU A 115 16.69 -11.89 -26.40
CA LEU A 115 15.28 -11.68 -26.70
C LEU A 115 14.76 -12.39 -27.94
N HIS A 116 15.67 -12.88 -28.81
CA HIS A 116 15.28 -13.64 -30.02
C HIS A 116 14.36 -12.81 -30.89
N ALA A 117 14.83 -11.62 -31.22
CA ALA A 117 13.98 -10.61 -31.79
C ALA A 117 13.94 -10.71 -33.30
N SER A 118 12.74 -10.68 -33.86
CA SER A 118 12.56 -10.59 -35.31
C SER A 118 12.23 -9.16 -35.75
N HIS A 119 11.76 -8.35 -34.79
CA HIS A 119 11.37 -6.95 -35.00
C HIS A 119 11.81 -6.11 -33.82
N VAL A 120 12.34 -4.93 -34.10
CA VAL A 120 12.65 -3.93 -33.08
C VAL A 120 12.08 -2.56 -33.51
N VAL A 121 11.45 -1.86 -32.56
CA VAL A 121 10.78 -0.58 -32.81
C VAL A 121 11.31 0.48 -31.85
N VAL A 122 11.97 1.50 -32.39
CA VAL A 122 12.50 2.58 -31.54
C VAL A 122 12.05 3.97 -32.04
N GLY A 123 12.18 4.97 -31.16
CA GLY A 123 11.96 6.37 -31.56
C GLY A 123 13.20 6.93 -32.26
N ALA A 124 13.01 7.99 -33.05
CA ALA A 124 14.14 8.62 -33.77
C ALA A 124 15.25 9.11 -32.84
N ASN A 125 14.91 9.45 -31.61
CA ASN A 125 15.86 9.94 -30.62
C ASN A 125 16.59 8.79 -29.92
N PHE A 126 16.43 7.57 -30.42
CA PHE A 126 16.94 6.42 -29.71
C PHE A 126 18.46 6.32 -29.78
N THR A 127 19.10 6.13 -28.63
CA THR A 127 20.51 5.81 -28.60
C THR A 127 20.80 4.58 -27.75
N PHE A 128 21.95 3.96 -27.99
CA PHE A 128 22.35 2.73 -27.31
C PHE A 128 23.87 2.50 -27.45
N GLY A 129 24.43 1.76 -26.49
CA GLY A 129 25.82 1.33 -26.55
C GLY A 129 26.79 2.31 -25.92
N GLU A 130 28.02 1.86 -25.72
CA GLU A 130 29.05 2.67 -25.08
C GLU A 130 29.02 4.09 -25.62
N ASN A 131 28.89 5.06 -24.71
CA ASN A 131 28.89 6.49 -25.03
C ASN A 131 27.80 6.90 -26.04
N ALA A 132 26.66 6.18 -26.01
CA ALA A 132 25.50 6.45 -26.88
C ALA A 132 25.81 6.71 -28.36
N ALA A 133 26.83 6.04 -28.90
CA ALA A 133 27.23 6.24 -30.29
C ALA A 133 26.26 5.57 -31.24
N GLY A 134 25.55 4.56 -30.73
CA GLY A 134 24.48 3.91 -31.49
C GLY A 134 23.29 4.83 -31.67
N THR A 135 22.76 4.84 -32.88
CA THR A 135 21.63 5.69 -33.24
C THR A 135 20.56 4.82 -33.91
N ALA A 136 19.43 5.43 -34.26
CA ALA A 136 18.42 4.78 -35.06
C ALA A 136 19.00 4.27 -36.39
N ASP A 137 19.87 5.07 -37.00
CA ASP A 137 20.46 4.75 -38.30
C ASP A 137 21.46 3.60 -38.17
N SER A 138 22.28 3.65 -37.13
CA SER A 138 23.14 2.52 -36.77
C SER A 138 22.34 1.23 -36.69
N LEU A 139 21.28 1.25 -35.88
CA LEU A 139 20.43 0.09 -35.65
C LEU A 139 19.87 -0.52 -36.93
N ARG A 140 19.40 0.30 -37.87
CA ARG A 140 18.89 -0.21 -39.14
C ARG A 140 19.97 -0.95 -39.92
N GLN A 141 21.19 -0.41 -39.92
CA GLN A 141 22.29 -1.04 -40.67
C GLN A 141 22.88 -2.28 -39.98
N ILE A 142 23.02 -2.24 -38.66
CA ILE A 142 23.51 -3.40 -37.89
C ILE A 142 22.49 -4.54 -37.92
N CYS A 143 21.22 -4.20 -38.13
CA CYS A 143 20.14 -5.21 -38.19
C CYS A 143 19.78 -5.69 -39.60
N GLN A 144 20.39 -5.07 -40.62
CA GLN A 144 20.30 -5.54 -42.01
C GLN A 144 20.24 -7.08 -42.09
N SER A 145 19.15 -7.61 -42.62
CA SER A 145 18.97 -9.07 -42.82
C SER A 145 18.80 -9.89 -41.54
N ARG A 146 19.17 -9.31 -40.41
CA ARG A 146 19.10 -10.04 -39.15
C ARG A 146 17.72 -9.87 -38.49
N LEU A 147 17.24 -8.63 -38.44
CA LEU A 147 15.87 -8.34 -38.01
C LEU A 147 15.36 -7.00 -38.58
N THR A 148 14.05 -6.85 -38.64
CA THR A 148 13.49 -5.63 -39.22
C THR A 148 13.38 -4.52 -38.17
N VAL A 149 13.67 -3.28 -38.61
CA VAL A 149 13.62 -2.10 -37.74
C VAL A 149 12.64 -1.06 -38.26
N ASP A 150 11.80 -0.58 -37.35
CA ASP A 150 10.84 0.47 -37.65
C ASP A 150 11.16 1.64 -36.71
N VAL A 151 11.67 2.73 -37.27
CA VAL A 151 12.01 3.92 -36.49
C VAL A 151 10.88 4.93 -36.59
N ILE A 152 10.31 5.28 -35.44
CA ILE A 152 9.13 6.13 -35.42
C ILE A 152 9.50 7.53 -35.01
N ASP A 153 9.12 8.50 -35.85
CA ASP A 153 9.26 9.92 -35.55
C ASP A 153 8.62 10.29 -34.22
N LEU A 154 9.29 11.18 -33.51
CA LEU A 154 8.75 11.73 -32.29
C LEU A 154 7.41 12.38 -32.60
N LEU A 155 6.47 12.22 -31.69
CA LEU A 155 5.11 12.74 -31.88
C LEU A 155 5.08 14.27 -31.69
N ASP A 156 4.66 14.97 -32.74
CA ASP A 156 4.46 16.42 -32.72
C ASP A 156 3.00 16.64 -32.90
N ASP A 157 2.43 17.46 -32.05
CA ASP A 157 1.01 17.73 -32.10
C ASP A 157 0.84 19.13 -31.56
N GLU A 158 0.00 19.91 -32.26
CA GLU A 158 -0.38 21.27 -31.84
C GLU A 158 0.82 22.15 -31.52
N GLY A 159 1.89 21.96 -32.29
CA GLY A 159 3.10 22.74 -32.13
C GLY A 159 3.95 22.34 -30.94
N VAL A 160 3.58 21.25 -30.28
CA VAL A 160 4.38 20.77 -29.15
C VAL A 160 4.97 19.39 -29.42
N ARG A 161 6.26 19.26 -29.18
CA ARG A 161 6.95 17.98 -29.16
C ARG A 161 6.49 17.21 -27.92
N ILE A 162 5.94 16.00 -28.08
CA ILE A 162 5.49 15.23 -26.91
C ILE A 162 6.59 14.32 -26.44
N SER A 163 7.16 14.62 -25.27
CA SER A 163 8.24 13.80 -24.71
C SER A 163 8.17 13.79 -23.19
N SER A 164 8.96 12.93 -22.55
CA SER A 164 9.07 12.99 -21.10
C SER A 164 9.43 14.40 -20.62
N THR A 165 10.39 15.03 -21.29
CA THR A 165 10.78 16.40 -20.98
C THR A 165 9.59 17.37 -21.00
N THR A 166 8.79 17.36 -22.05
CA THR A 166 7.70 18.34 -22.11
C THR A 166 6.61 18.04 -21.08
N VAL A 167 6.26 16.78 -20.87
CA VAL A 167 5.34 16.44 -19.77
C VAL A 167 5.83 17.02 -18.43
N ARG A 168 7.10 16.79 -18.09
CA ARG A 168 7.68 17.36 -16.85
C ARG A 168 7.55 18.89 -16.75
N GLU A 169 7.76 19.59 -17.87
CA GLU A 169 7.67 21.05 -17.89
C GLU A 169 6.26 21.52 -17.57
N PHE A 170 5.28 20.93 -18.25
CA PHE A 170 3.86 21.22 -17.98
C PHE A 170 3.51 20.98 -16.52
N LEU A 171 3.91 19.82 -15.98
CA LEU A 171 3.63 19.50 -14.59
C LEU A 171 4.24 20.56 -13.68
N SER A 172 5.49 20.91 -13.95
CA SER A 172 6.22 21.89 -13.15
C SER A 172 5.58 23.27 -13.23
N GLU A 173 4.97 23.58 -14.37
CA GLU A 173 4.24 24.84 -14.56
C GLU A 173 2.87 24.82 -13.89
N GLY A 174 2.48 23.68 -13.34
CA GLY A 174 1.13 23.51 -12.85
C GLY A 174 0.10 23.33 -13.95
N ASP A 175 0.54 23.25 -15.20
CA ASP A 175 -0.37 23.01 -16.33
C ASP A 175 -0.64 21.52 -16.51
N VAL A 176 -1.50 20.97 -15.65
CA VAL A 176 -1.87 19.57 -15.75
C VAL A 176 -2.75 19.27 -16.98
N ALA A 177 -3.53 20.24 -17.47
CA ALA A 177 -4.37 19.96 -18.64
C ALA A 177 -3.54 19.65 -19.89
N ARG A 178 -2.46 20.42 -20.12
CA ARG A 178 -1.54 20.12 -21.22
C ARG A 178 -0.77 18.82 -20.99
N ALA A 179 -0.38 18.57 -19.74
CA ALA A 179 0.30 17.32 -19.40
C ALA A 179 -0.65 16.17 -19.71
N ASN A 180 -1.88 16.27 -19.24
CA ASN A 180 -2.91 15.27 -19.55
C ASN A 180 -3.08 15.07 -21.04
N TRP A 181 -3.13 16.18 -21.76
CA TRP A 181 -3.17 16.15 -23.21
C TRP A 181 -2.01 15.36 -23.84
N ALA A 182 -0.78 15.51 -23.33
CA ALA A 182 0.38 14.78 -23.87
C ALA A 182 0.44 13.32 -23.44
N LEU A 183 -0.09 13.03 -22.25
CA LEU A 183 -0.08 11.68 -21.67
C LEU A 183 -1.17 10.80 -22.30
N GLY A 184 -2.25 11.44 -22.73
CA GLY A 184 -3.38 10.71 -23.25
C GLY A 184 -4.32 10.26 -22.16
N ARG A 185 -4.10 10.72 -20.94
CA ARG A 185 -4.97 10.37 -19.80
C ARG A 185 -4.80 11.42 -18.72
N HIS A 186 -5.59 11.35 -17.65
CA HIS A 186 -5.34 12.21 -16.51
C HIS A 186 -4.07 11.80 -15.85
N PHE A 187 -3.13 12.73 -15.68
CA PHE A 187 -1.98 12.47 -14.82
C PHE A 187 -2.43 12.04 -13.43
N TYR A 188 -1.78 11.02 -12.87
CA TYR A 188 -2.15 10.57 -11.54
C TYR A 188 -0.97 10.15 -10.65
N VAL A 189 -1.17 10.18 -9.33
CA VAL A 189 -0.30 9.49 -8.39
C VAL A 189 -1.14 8.54 -7.53
N THR A 190 -0.51 7.47 -7.03
CA THR A 190 -1.18 6.55 -6.10
C THR A 190 -0.33 6.39 -4.83
N GLY A 191 -0.97 6.03 -3.73
CA GLY A 191 -0.27 5.89 -2.46
C GLY A 191 -1.19 5.65 -1.29
N PRO A 192 -0.64 5.15 -0.17
CA PRO A 192 -1.41 4.90 1.06
C PRO A 192 -1.78 6.21 1.73
N VAL A 193 -3.01 6.29 2.24
CA VAL A 193 -3.44 7.49 2.96
C VAL A 193 -2.89 7.42 4.37
N VAL A 194 -2.21 8.48 4.79
CA VAL A 194 -1.61 8.53 6.11
C VAL A 194 -2.48 9.35 7.05
N ARG A 195 -2.20 9.19 8.35
CA ARG A 195 -2.77 10.02 9.40
C ARG A 195 -2.32 11.48 9.16
N GLY A 196 -3.27 12.41 9.13
CA GLY A 196 -2.96 13.81 8.82
C GLY A 196 -3.82 14.82 9.57
N ALA A 197 -3.17 15.65 10.38
CA ALA A 197 -3.83 16.55 11.34
C ALA A 197 -4.47 15.76 12.48
N GLY A 198 -5.40 14.88 12.15
CA GLY A 198 -6.07 14.04 13.12
C GLY A 198 -6.91 12.94 12.48
N ARG A 199 -7.98 12.56 13.18
CA ARG A 199 -8.85 11.45 12.76
C ARG A 199 -10.32 11.86 12.65
N GLY A 205 -12.91 21.60 7.49
CA GLY A 205 -11.70 21.96 6.73
C GLY A 205 -10.56 20.96 6.80
N TRP A 206 -10.74 19.89 7.58
CA TRP A 206 -9.74 18.82 7.64
C TRP A 206 -9.88 17.87 6.46
N PRO A 207 -8.77 17.58 5.75
CA PRO A 207 -8.81 16.90 4.46
C PRO A 207 -9.35 15.50 4.55
N THR A 208 -9.99 15.06 3.47
CA THR A 208 -10.48 13.71 3.39
C THR A 208 -9.34 12.69 3.37
N ALA A 209 -8.21 13.09 2.79
CA ALA A 209 -7.04 12.22 2.66
C ALA A 209 -5.75 13.01 2.57
N ASN A 210 -4.70 12.48 3.19
CA ASN A 210 -3.35 13.02 3.07
C ASN A 210 -2.43 11.94 2.55
N GLN A 211 -1.63 12.31 1.56
CA GLN A 211 -0.59 11.43 1.08
C GLN A 211 0.76 12.14 1.00
N TYR A 212 1.84 11.39 1.15
CA TYR A 212 3.19 11.91 1.01
C TYR A 212 3.95 11.24 -0.12
N PHE A 213 4.75 12.00 -0.84
CA PHE A 213 5.58 11.46 -1.93
C PHE A 213 7.04 11.84 -1.81
N HIS A 214 7.91 10.90 -2.18
CA HIS A 214 9.35 11.18 -2.16
C HIS A 214 9.71 12.22 -3.19
N ASP A 215 10.89 12.79 -3.07
CA ASP A 215 11.24 13.94 -3.93
C ASP A 215 11.66 13.57 -5.35
N THR A 216 11.74 12.27 -5.66
CA THR A 216 11.99 11.82 -7.04
C THR A 216 10.69 11.73 -7.85
N VAL A 217 9.55 11.70 -7.16
CA VAL A 217 8.22 11.67 -7.79
C VAL A 217 7.92 13.02 -8.45
N ALA A 218 7.51 13.01 -9.72
CA ALA A 218 7.08 14.24 -10.41
C ALA A 218 5.68 14.61 -9.95
N LEU A 219 5.48 15.89 -9.66
CA LEU A 219 4.19 16.36 -9.15
C LEU A 219 3.88 17.74 -9.67
N PRO A 220 2.60 18.06 -9.87
CA PRO A 220 2.19 19.42 -10.24
C PRO A 220 2.73 20.46 -9.26
N ALA A 221 2.99 21.67 -9.77
CA ALA A 221 3.39 22.79 -8.92
C ALA A 221 2.49 22.91 -7.71
N ASP A 222 3.06 23.36 -6.61
CA ASP A 222 2.24 23.67 -5.44
C ASP A 222 1.05 24.52 -5.88
N GLY A 223 -0.13 24.17 -5.37
CA GLY A 223 -1.35 24.85 -5.75
C GLY A 223 -2.55 23.97 -5.49
N VAL A 224 -3.71 24.40 -5.96
CA VAL A 224 -4.93 23.63 -5.82
C VAL A 224 -5.45 23.25 -7.18
N TYR A 225 -5.74 21.96 -7.36
CA TYR A 225 -6.25 21.42 -8.62
C TYR A 225 -7.62 20.78 -8.41
N ALA A 226 -8.42 20.74 -9.47
CA ALA A 226 -9.59 19.87 -9.53
C ALA A 226 -9.15 18.52 -10.00
N GLY A 227 -9.74 17.46 -9.44
CA GLY A 227 -9.44 16.12 -9.89
C GLY A 227 -10.35 15.07 -9.30
N TRP A 228 -9.95 13.82 -9.47
CA TRP A 228 -10.72 12.68 -9.02
C TRP A 228 -9.92 11.79 -8.14
N LEU A 229 -10.56 11.30 -7.08
CA LEU A 229 -9.94 10.43 -6.11
C LEU A 229 -10.66 9.10 -6.10
N THR A 230 -9.90 8.01 -6.16
CA THR A 230 -10.47 6.67 -6.24
C THR A 230 -9.82 5.79 -5.18
N ILE A 231 -10.63 5.18 -4.34
CA ILE A 231 -10.11 4.18 -3.41
C ILE A 231 -9.90 2.90 -4.21
N LEU A 232 -8.64 2.49 -4.37
CA LEU A 232 -8.30 1.28 -5.12
C LEU A 232 -8.97 0.05 -4.51
N PRO A 233 -9.18 -1.00 -5.34
CA PRO A 233 -9.94 -2.17 -4.88
C PRO A 233 -9.46 -2.67 -3.53
N THR A 234 -10.40 -2.88 -2.60
CA THR A 234 -10.06 -3.33 -1.24
C THR A 234 -11.25 -3.96 -0.51
N GLU A 235 -10.95 -4.90 0.40
CA GLU A 235 -11.98 -5.50 1.26
C GLU A 235 -11.96 -4.87 2.66
N ALA A 236 -10.96 -4.01 2.90
CA ALA A 236 -10.88 -3.26 4.14
C ALA A 236 -12.10 -2.35 4.29
N PRO A 237 -12.65 -2.26 5.53
CA PRO A 237 -13.75 -1.35 5.81
C PRO A 237 -13.35 0.09 5.56
N VAL A 238 -14.29 0.87 5.07
CA VAL A 238 -14.04 2.26 4.73
C VAL A 238 -14.87 3.08 5.70
N SER A 239 -14.20 3.99 6.42
CA SER A 239 -14.89 4.90 7.30
C SER A 239 -15.57 5.95 6.43
N GLY A 240 -16.90 6.02 6.50
CA GLY A 240 -17.65 7.09 5.83
C GLY A 240 -18.40 6.59 4.62
N ASN A 241 -18.88 7.54 3.81
CA ASN A 241 -19.80 7.27 2.70
C ASN A 241 -19.14 7.27 1.32
N MET A 242 -17.90 6.81 1.25
CA MET A 242 -17.21 6.62 -0.02
C MET A 242 -17.08 5.13 -0.27
N GLU A 243 -17.16 4.73 -1.54
CA GLU A 243 -17.08 3.33 -1.90
C GLU A 243 -15.83 3.16 -2.72
N PRO A 244 -15.23 1.97 -2.67
CA PRO A 244 -14.05 1.74 -3.50
C PRO A 244 -14.41 1.77 -4.97
N GLU A 245 -13.42 2.08 -5.82
CA GLU A 245 -13.53 1.92 -7.27
C GLU A 245 -14.50 2.93 -7.88
N VAL A 246 -14.89 3.92 -7.11
CA VAL A 246 -15.68 5.02 -7.65
C VAL A 246 -14.80 6.25 -7.64
N ALA A 247 -14.69 6.91 -8.79
CA ALA A 247 -13.91 8.14 -8.84
C ALA A 247 -14.72 9.33 -8.32
N TYR A 248 -14.29 9.87 -7.18
CA TYR A 248 -14.99 10.93 -6.47
C TYR A 248 -14.40 12.29 -6.75
N ALA A 249 -15.26 13.28 -6.97
CA ALA A 249 -14.82 14.65 -7.24
C ALA A 249 -14.07 15.22 -6.04
N ALA A 250 -12.99 15.94 -6.32
CA ALA A 250 -12.10 16.38 -5.26
C ALA A 250 -11.32 17.62 -5.63
N ALA A 251 -11.20 18.52 -4.65
CA ALA A 251 -10.29 19.65 -4.73
C ALA A 251 -8.96 19.19 -4.14
N ILE A 252 -7.87 19.26 -4.91
CA ILE A 252 -6.59 18.69 -4.48
C ILE A 252 -5.51 19.72 -4.20
N SER A 253 -4.93 19.73 -2.99
CA SER A 253 -3.84 20.66 -2.64
C SER A 253 -2.49 19.97 -2.63
N VAL A 254 -1.59 20.44 -3.48
CA VAL A 254 -0.26 19.91 -3.53
C VAL A 254 0.63 20.90 -2.79
N GLY A 255 1.38 20.38 -1.82
CA GLY A 255 2.24 21.21 -0.99
C GLY A 255 3.64 20.64 -0.78
N THR A 256 4.48 21.48 -0.18
CA THR A 256 5.87 21.15 0.12
C THR A 256 6.07 21.38 1.62
N ASN A 257 6.53 20.34 2.32
CA ASN A 257 6.95 20.48 3.72
C ASN A 257 8.31 21.21 3.77
N PRO A 258 8.34 22.45 4.34
CA PRO A 258 9.54 23.30 4.25
C PRO A 258 10.74 22.83 5.08
N GLN A 264 10.17 16.67 0.49
CA GLN A 264 9.04 15.76 0.61
C GLN A 264 7.71 16.49 0.38
N ARG A 265 6.99 16.05 -0.64
CA ARG A 265 5.77 16.70 -1.09
C ARG A 265 4.52 16.00 -0.53
N SER A 266 3.53 16.80 -0.15
CA SER A 266 2.27 16.25 0.32
C SER A 266 1.18 16.46 -0.72
N VAL A 267 0.19 15.57 -0.72
CA VAL A 267 -1.04 15.83 -1.46
C VAL A 267 -2.25 15.70 -0.54
N GLU A 268 -2.96 16.82 -0.32
CA GLU A 268 -4.18 16.84 0.52
C GLU A 268 -5.46 16.93 -0.35
N SER A 269 -6.40 16.02 -0.14
CA SER A 269 -7.58 15.93 -0.99
C SER A 269 -8.85 16.24 -0.21
N PHE A 270 -9.65 17.17 -0.74
CA PHE A 270 -10.95 17.46 -0.16
C PHE A 270 -11.99 16.91 -1.10
N VAL A 271 -12.54 15.77 -0.70
CA VAL A 271 -13.57 15.11 -1.48
C VAL A 271 -14.87 15.87 -1.28
N LEU A 272 -15.48 16.26 -2.39
CA LEU A 272 -16.67 17.10 -2.34
C LEU A 272 -17.88 16.28 -1.91
N ASP A 273 -18.69 16.86 -1.02
CA ASP A 273 -19.98 16.31 -0.61
C ASP A 273 -19.93 14.92 0.04
N ARG A 274 -18.78 14.56 0.62
CA ARG A 274 -18.63 13.28 1.34
C ARG A 274 -17.92 13.52 2.66
N ASP A 275 -18.14 12.64 3.63
CA ASP A 275 -17.34 12.65 4.85
C ASP A 275 -16.83 11.23 4.98
N ALA A 276 -15.54 11.09 4.80
CA ALA A 276 -14.94 9.80 4.87
C ALA A 276 -13.60 10.00 5.54
N ASP A 277 -13.00 8.91 6.00
CA ASP A 277 -11.65 8.98 6.50
C ASP A 277 -10.93 7.82 5.89
N LEU A 278 -9.86 8.10 5.17
CA LEU A 278 -9.31 7.09 4.27
C LEU A 278 -8.00 6.45 4.77
N TYR A 279 -7.60 6.81 5.99
CA TYR A 279 -6.45 6.19 6.67
C TYR A 279 -6.36 4.69 6.40
N GLY A 280 -5.21 4.22 5.97
CA GLY A 280 -5.04 2.80 5.71
C GLY A 280 -5.30 2.37 4.28
N HIS A 281 -6.11 3.14 3.55
CA HIS A 281 -6.44 2.77 2.19
C HIS A 281 -5.44 3.28 1.20
N ASP A 282 -5.36 2.58 0.07
CA ASP A 282 -4.60 3.00 -1.10
C ASP A 282 -5.47 3.77 -2.06
N VAL A 283 -5.01 4.96 -2.40
CA VAL A 283 -5.83 5.95 -3.06
C VAL A 283 -5.16 6.55 -4.32
N LYS A 284 -5.91 6.57 -5.42
CA LYS A 284 -5.48 7.22 -6.64
C LYS A 284 -6.04 8.64 -6.74
N VAL A 285 -5.16 9.57 -7.06
CA VAL A 285 -5.50 10.98 -7.27
C VAL A 285 -5.22 11.38 -8.72
N GLU A 286 -6.28 11.61 -9.49
CA GLU A 286 -6.14 12.05 -10.89
C GLU A 286 -6.32 13.55 -10.99
N PHE A 287 -5.40 14.23 -11.69
CA PHE A 287 -5.46 15.70 -11.84
C PHE A 287 -6.10 16.14 -13.15
N VAL A 288 -7.01 17.09 -13.06
CA VAL A 288 -7.75 17.49 -14.25
C VAL A 288 -7.37 18.89 -14.72
N ASP A 289 -7.31 19.85 -13.80
CA ASP A 289 -7.11 21.24 -14.15
C ASP A 289 -6.63 22.09 -12.96
N HIS A 290 -5.96 23.18 -13.26
CA HIS A 290 -5.44 24.08 -12.24
C HIS A 290 -6.57 24.94 -11.70
N VAL A 291 -6.52 25.26 -10.41
CA VAL A 291 -7.62 26.06 -9.80
C VAL A 291 -7.04 27.34 -9.27
N ARG A 292 -6.05 27.24 -8.38
CA ARG A 292 -5.33 28.43 -7.92
C ARG A 292 -3.94 28.10 -7.34
N ALA A 293 -3.15 29.16 -7.16
CA ALA A 293 -1.85 29.08 -6.50
C ALA A 293 -2.07 28.87 -4.99
N MET A 294 -1.02 28.39 -4.32
CA MET A 294 -0.97 28.29 -2.87
C MET A 294 -1.11 29.67 -2.23
N GLU A 295 -1.72 29.73 -1.04
CA GLU A 295 -1.67 30.96 -0.23
C GLU A 295 -1.70 30.74 1.27
N LYS A 296 -1.18 31.73 2.00
CA LYS A 296 -1.16 31.69 3.46
C LYS A 296 -2.56 32.07 3.94
N PHE A 297 -3.00 31.45 5.03
CA PHE A 297 -4.27 31.86 5.61
C PHE A 297 -4.08 32.48 6.99
N ASP A 298 -4.81 33.56 7.25
CA ASP A 298 -4.66 34.30 8.50
C ASP A 298 -5.90 34.19 9.41
N SER A 299 -6.99 33.66 8.88
CA SER A 299 -8.18 33.36 9.69
C SER A 299 -8.96 32.16 9.17
N VAL A 300 -9.64 31.49 10.10
CA VAL A 300 -10.51 30.37 9.79
C VAL A 300 -11.60 30.81 8.80
N GLU A 301 -12.15 31.99 9.02
CA GLU A 301 -13.16 32.58 8.13
C GLU A 301 -12.63 32.68 6.70
N GLN A 302 -11.50 33.37 6.52
CA GLN A 302 -10.86 33.53 5.22
C GLN A 302 -10.55 32.16 4.55
N LEU A 303 -9.97 31.25 5.33
CA LEU A 303 -9.67 29.92 4.86
C LEU A 303 -10.88 29.16 4.31
N LEU A 304 -12.04 29.28 4.94
CA LEU A 304 -13.22 28.52 4.55
C LEU A 304 -13.90 29.16 3.35
N GLU A 305 -13.87 30.49 3.32
CA GLU A 305 -14.33 31.24 2.17
C GLU A 305 -13.65 30.70 0.90
N VAL A 306 -12.31 30.73 0.93
CA VAL A 306 -11.48 30.28 -0.19
C VAL A 306 -11.69 28.81 -0.51
N MET A 307 -11.81 27.99 0.53
CA MET A 307 -12.10 26.57 0.42
C MET A 307 -13.38 26.34 -0.40
N ALA A 308 -14.38 27.19 -0.16
CA ALA A 308 -15.68 27.06 -0.81
C ALA A 308 -15.61 27.49 -2.28
N LYS A 309 -14.82 28.52 -2.57
CA LYS A 309 -14.60 28.97 -3.95
C LYS A 309 -13.89 27.89 -4.77
N ASP A 310 -12.95 27.19 -4.13
CA ASP A 310 -12.24 26.06 -4.73
C ASP A 310 -13.19 24.92 -5.11
N VAL A 311 -14.10 24.57 -4.19
CA VAL A 311 -15.15 23.59 -4.43
C VAL A 311 -16.03 24.01 -5.61
N GLN A 312 -16.41 25.29 -5.68
CA GLN A 312 -17.26 25.75 -6.79
C GLN A 312 -16.53 25.63 -8.12
N LYS A 313 -15.30 26.13 -8.16
CA LYS A 313 -14.49 26.11 -9.36
C LYS A 313 -14.21 24.67 -9.77
N THR A 314 -13.90 23.81 -8.80
CA THR A 314 -13.70 22.39 -9.04
C THR A 314 -14.93 21.71 -9.62
N ARG A 315 -16.09 21.92 -9.01
CA ARG A 315 -17.36 21.37 -9.52
C ARG A 315 -17.52 21.72 -11.00
N THR A 316 -17.26 22.97 -11.33
CA THR A 316 -17.30 23.44 -12.72
C THR A 316 -16.35 22.71 -13.67
N LEU A 317 -15.07 22.63 -13.30
CA LEU A 317 -14.06 21.98 -14.14
C LEU A 317 -14.34 20.50 -14.41
N LEU A 318 -14.80 19.81 -13.36
CA LEU A 318 -15.08 18.39 -13.47
C LEU A 318 -16.34 18.12 -14.27
N ALA A 319 -17.32 19.01 -14.17
CA ALA A 319 -18.53 18.89 -15.01
C ALA A 319 -18.13 18.91 -16.49
N GLN A 320 -17.14 19.74 -16.83
CA GLN A 320 -16.62 19.80 -18.18
C GLN A 320 -15.84 18.53 -18.51
N ASP A 321 -14.98 18.11 -17.58
CA ASP A 321 -14.13 16.92 -17.73
C ASP A 321 -14.91 15.67 -18.12
N VAL A 322 -16.10 15.54 -17.54
CA VAL A 322 -16.94 14.37 -17.72
C VAL A 322 -17.36 14.27 -19.20
N GLN A 323 -17.59 15.41 -19.82
CA GLN A 323 -17.96 15.50 -21.22
C GLN A 323 -16.84 15.03 -22.16
N ALA A 324 -15.58 15.29 -21.82
CA ALA A 324 -14.48 14.61 -22.52
C ALA A 324 -14.31 13.18 -21.95
N HIS A 325 -15.23 12.28 -22.30
CA HIS A 325 -15.32 10.98 -21.62
C HIS A 325 -14.21 10.01 -21.91
N LYS A 326 -13.38 10.29 -22.92
CA LYS A 326 -12.18 9.49 -23.18
C LYS A 326 -11.16 9.67 -22.05
N MET A 327 -11.19 10.86 -21.42
CA MET A 327 -10.42 11.20 -20.24
C MET A 327 -11.11 10.74 -18.93
N ALA A 328 -12.39 11.05 -18.80
CA ALA A 328 -13.17 10.79 -17.56
C ALA A 328 -13.22 9.31 -17.17
N PRO A 329 -13.35 9.03 -15.86
CA PRO A 329 -13.35 7.65 -15.36
C PRO A 329 -14.67 6.94 -15.69
N GLU A 330 -14.70 5.62 -15.55
CA GLU A 330 -15.91 4.83 -15.77
C GLU A 330 -17.05 5.23 -14.83
N THR A 331 -16.82 5.07 -13.54
CA THR A 331 -17.83 5.39 -12.56
C THR A 331 -17.33 6.54 -11.72
N TYR A 332 -18.09 7.64 -11.72
CA TYR A 332 -17.66 8.78 -10.94
C TYR A 332 -18.74 9.19 -9.97
N PHE A 333 -18.41 10.16 -9.14
CA PHE A 333 -19.38 10.77 -8.27
C PHE A 333 -19.09 12.24 -8.34
N LEU A 334 -20.05 12.98 -8.86
CA LEU A 334 -19.99 14.42 -8.86
C LEU A 334 -21.40 14.97 -8.63
N GLN A 335 -21.59 15.72 -7.56
CA GLN A 335 -22.88 16.37 -7.35
C GLN A 335 -23.00 17.70 -8.10
N ALA A 336 -24.24 17.98 -8.52
CA ALA A 336 -24.59 19.22 -9.20
C ALA A 336 -24.32 20.46 -8.34
N GLU A 337 -24.60 20.32 -7.03
CA GLU A 337 -24.37 21.39 -6.04
C GLU A 337 -24.20 20.80 -4.63
N SER A 338 -24.08 21.68 -3.63
CA SER A 338 -24.04 21.26 -2.22
C SER A 338 -25.33 20.55 -1.80
N MET B 1 -18.98 -3.12 7.82
CA MET B 1 -18.73 -2.57 9.16
C MET B 1 -18.44 -1.08 9.06
N ASP B 2 -19.15 -0.28 9.85
CA ASP B 2 -18.94 1.15 9.88
C ASP B 2 -17.84 1.52 10.85
N ILE B 3 -17.20 2.66 10.59
CA ILE B 3 -16.16 3.22 11.43
C ILE B 3 -16.48 4.70 11.72
N TRP B 4 -16.71 5.02 12.99
CA TRP B 4 -17.03 6.39 13.42
C TRP B 4 -15.97 6.96 14.29
N TYR B 5 -15.53 8.15 13.94
CA TYR B 5 -14.54 8.87 14.72
C TYR B 5 -15.23 9.93 15.57
N GLY B 6 -15.38 9.63 16.86
CA GLY B 6 -16.07 10.53 17.76
C GLY B 6 -17.56 10.23 17.87
N THR B 7 -18.11 10.46 19.07
CA THR B 7 -19.53 10.26 19.34
C THR B 7 -20.42 11.09 18.40
N ALA B 8 -19.93 12.23 17.92
CA ALA B 8 -20.72 13.05 16.97
C ALA B 8 -20.90 12.44 15.57
N ALA B 9 -20.10 11.41 15.23
CA ALA B 9 -20.18 10.76 13.90
C ALA B 9 -21.14 9.57 13.88
N VAL B 10 -21.61 9.17 15.05
CA VAL B 10 -22.53 8.05 15.16
C VAL B 10 -23.89 8.43 14.55
N PRO B 11 -24.47 7.56 13.70
CA PRO B 11 -25.81 7.88 13.19
C PRO B 11 -26.76 8.19 14.33
N LYS B 12 -27.52 9.26 14.19
CA LYS B 12 -28.40 9.72 15.25
C LYS B 12 -29.66 8.85 15.37
N ASP B 13 -29.94 8.06 14.34
CA ASP B 13 -31.11 7.16 14.31
C ASP B 13 -30.80 5.71 14.76
N LEU B 14 -29.80 5.57 15.64
CA LEU B 14 -29.38 4.27 16.15
C LEU B 14 -30.23 3.89 17.35
N ASP B 15 -31.15 2.93 17.16
CA ASP B 15 -32.18 2.65 18.16
C ASP B 15 -31.80 1.56 19.15
N ASN B 16 -30.88 0.67 18.75
CA ASN B 16 -30.50 -0.49 19.56
C ASN B 16 -29.13 -1.02 19.20
N SER B 17 -28.36 -1.40 20.23
CA SER B 17 -27.00 -1.93 20.06
C SER B 17 -26.50 -2.77 21.24
N ALA B 18 -25.67 -3.77 20.92
CA ALA B 18 -24.88 -4.48 21.94
C ALA B 18 -23.45 -3.94 21.83
N VAL B 19 -22.93 -3.40 22.93
CA VAL B 19 -21.64 -2.70 22.93
C VAL B 19 -20.55 -3.42 23.74
N THR B 20 -19.33 -3.42 23.19
CA THR B 20 -18.15 -3.79 23.96
C THR B 20 -17.07 -2.69 23.89
N ILE B 21 -16.43 -2.43 25.04
CA ILE B 21 -15.52 -1.29 25.19
C ILE B 21 -14.14 -1.76 25.64
N GLY B 22 -13.09 -1.32 24.93
CA GLY B 22 -11.70 -1.61 25.30
C GLY B 22 -10.71 -1.14 24.25
N VAL B 23 -9.43 -1.15 24.59
CA VAL B 23 -8.39 -0.79 23.64
C VAL B 23 -8.34 -1.82 22.52
N PHE B 24 -8.51 -3.08 22.91
CA PHE B 24 -8.58 -4.19 21.97
C PHE B 24 -7.30 -4.37 21.14
N ASP B 25 -6.16 -3.92 21.66
CA ASP B 25 -4.92 -4.07 20.90
C ASP B 25 -4.59 -5.53 20.70
N GLY B 26 -4.51 -5.92 19.42
CA GLY B 26 -4.11 -7.28 19.08
C GLY B 26 -5.27 -8.23 18.82
N VAL B 27 -6.45 -7.86 19.30
CA VAL B 27 -7.64 -8.73 19.26
C VAL B 27 -7.25 -10.19 19.57
N HIS B 28 -6.76 -10.41 20.78
CA HIS B 28 -6.30 -11.72 21.21
C HIS B 28 -7.47 -12.59 21.64
N ARG B 29 -7.20 -13.81 22.10
CA ARG B 29 -8.27 -14.77 22.41
C ARG B 29 -9.14 -14.27 23.56
N GLY B 30 -8.55 -13.47 24.45
CA GLY B 30 -9.32 -12.77 25.47
C GLY B 30 -10.32 -11.84 24.83
N HIS B 31 -9.85 -10.98 23.92
CA HIS B 31 -10.73 -10.03 23.23
C HIS B 31 -11.84 -10.71 22.46
N GLN B 32 -11.53 -11.86 21.86
CA GLN B 32 -12.51 -12.58 21.05
C GLN B 32 -13.71 -13.04 21.86
N LYS B 33 -13.47 -13.43 23.11
CA LYS B 33 -14.54 -13.75 24.06
C LYS B 33 -15.50 -12.57 24.23
N LEU B 34 -14.96 -11.37 24.36
CA LEU B 34 -15.78 -10.15 24.48
C LEU B 34 -16.59 -9.90 23.21
N ILE B 35 -15.90 -9.92 22.08
CA ILE B 35 -16.57 -9.72 20.80
C ILE B 35 -17.63 -10.81 20.54
N ASN B 36 -17.25 -12.09 20.71
CA ASN B 36 -18.20 -13.21 20.61
C ASN B 36 -19.47 -13.00 21.44
N ALA B 37 -19.33 -12.72 22.72
CA ALA B 37 -20.51 -12.50 23.54
C ALA B 37 -21.39 -11.41 22.92
N THR B 38 -20.76 -10.31 22.52
CA THR B 38 -21.45 -9.14 21.96
C THR B 38 -22.15 -9.44 20.64
N VAL B 39 -21.46 -10.10 19.72
CA VAL B 39 -22.03 -10.45 18.41
C VAL B 39 -23.19 -11.43 18.57
N GLU B 40 -22.98 -12.50 19.34
CA GLU B 40 -24.00 -13.53 19.60
C GLU B 40 -25.29 -12.92 20.19
N LYS B 41 -25.15 -11.88 21.03
CA LYS B 41 -26.30 -11.14 21.54
C LYS B 41 -27.00 -10.27 20.47
N ALA B 42 -26.23 -9.38 19.86
CA ALA B 42 -26.73 -8.54 18.76
C ALA B 42 -27.44 -9.36 17.68
N ARG B 43 -26.77 -10.42 17.23
CA ARG B 43 -27.32 -11.32 16.22
C ARG B 43 -28.67 -11.89 16.65
N GLU B 44 -28.80 -12.17 17.96
CA GLU B 44 -30.05 -12.66 18.55
C GLU B 44 -31.21 -11.67 18.40
N VAL B 45 -30.99 -10.42 18.82
CA VAL B 45 -32.07 -9.44 18.93
C VAL B 45 -32.14 -8.46 17.74
N GLY B 46 -31.61 -8.89 16.60
CA GLY B 46 -31.60 -8.09 15.36
C GLY B 46 -30.91 -6.72 15.45
N ALA B 47 -30.15 -6.51 16.52
CA ALA B 47 -29.46 -5.24 16.78
C ALA B 47 -27.99 -5.27 16.30
N LYS B 48 -27.35 -4.10 16.28
CA LYS B 48 -25.95 -3.97 15.82
C LYS B 48 -24.92 -4.22 16.95
N ALA B 49 -23.85 -4.95 16.65
CA ALA B 49 -22.75 -5.14 17.61
C ALA B 49 -21.69 -4.07 17.42
N ILE B 50 -21.54 -3.23 18.44
CA ILE B 50 -20.66 -2.08 18.40
C ILE B 50 -19.42 -2.34 19.23
N MET B 51 -18.26 -1.92 18.72
CA MET B 51 -17.05 -1.86 19.53
C MET B 51 -16.67 -0.40 19.80
N VAL B 52 -16.52 -0.04 21.07
CA VAL B 52 -15.92 1.25 21.42
C VAL B 52 -14.44 1.00 21.72
N THR B 53 -13.58 1.58 20.88
CA THR B 53 -12.14 1.46 21.07
C THR B 53 -11.49 2.85 21.10
N PHE B 54 -10.17 2.90 21.24
CA PHE B 54 -9.49 4.18 21.52
C PHE B 54 -8.24 4.40 20.69
N ASP B 55 -8.16 5.57 20.07
CA ASP B 55 -7.00 5.98 19.29
C ASP B 55 -6.94 7.49 19.41
N PRO B 56 -5.79 8.04 19.85
CA PRO B 56 -4.55 7.34 20.20
C PRO B 56 -4.68 6.52 21.50
N HIS B 57 -3.69 5.67 21.77
CA HIS B 57 -3.73 4.78 22.94
C HIS B 57 -3.89 5.62 24.20
N PRO B 58 -4.80 5.20 25.10
CA PRO B 58 -5.01 5.99 26.32
C PRO B 58 -3.73 6.30 27.09
N VAL B 59 -2.73 5.42 27.02
CA VAL B 59 -1.47 5.70 27.69
C VAL B 59 -0.76 6.88 27.00
N SER B 60 -0.73 6.89 25.66
CA SER B 60 -0.07 7.99 24.94
C SER B 60 -0.77 9.31 25.20
N VAL B 61 -2.06 9.27 25.50
CA VAL B 61 -2.78 10.49 25.90
C VAL B 61 -2.23 10.98 27.24
N PHE B 62 -2.03 10.07 28.19
CA PHE B 62 -1.54 10.43 29.52
C PHE B 62 -0.01 10.59 29.59
N LEU B 63 0.74 9.74 28.87
CA LEU B 63 2.21 9.76 28.82
C LEU B 63 2.77 9.79 27.39
N PRO B 64 2.77 10.98 26.75
CA PRO B 64 3.15 11.06 25.34
C PRO B 64 4.46 10.37 25.01
N ARG B 65 4.45 9.63 23.90
CA ARG B 65 5.60 8.87 23.37
C ARG B 65 6.07 7.68 24.23
N ARG B 66 5.22 7.25 25.17
CA ARG B 66 5.57 6.18 26.10
C ARG B 66 4.46 5.13 26.18
N ALA B 67 3.65 5.08 25.12
CA ALA B 67 2.59 4.09 24.97
C ALA B 67 3.21 2.74 24.64
N PRO B 68 2.51 1.64 24.98
CA PRO B 68 3.08 0.36 24.57
C PRO B 68 3.03 0.20 23.05
N LEU B 69 3.90 -0.66 22.54
CA LEU B 69 4.00 -0.95 21.12
C LEU B 69 2.66 -1.52 20.66
N GLY B 70 2.25 -1.17 19.45
CA GLY B 70 0.99 -1.68 18.89
C GLY B 70 1.14 -3.08 18.35
N ILE B 71 0.43 -4.03 18.95
CA ILE B 71 0.37 -5.41 18.45
C ILE B 71 -0.17 -5.44 17.02
N THR B 72 -1.23 -4.67 16.76
CA THR B 72 -1.72 -4.46 15.39
C THR B 72 -1.84 -2.96 15.18
N THR B 73 -1.90 -2.53 13.92
CA THR B 73 -2.21 -1.14 13.60
C THR B 73 -3.69 -0.89 13.88
N LEU B 74 -4.10 0.36 13.91
CA LEU B 74 -5.53 0.65 14.01
C LEU B 74 -6.31 0.04 12.82
N ALA B 75 -5.76 0.15 11.60
CA ALA B 75 -6.37 -0.49 10.41
C ALA B 75 -6.64 -1.99 10.64
N GLU B 76 -5.67 -2.69 11.21
CA GLU B 76 -5.86 -4.11 11.42
C GLU B 76 -6.86 -4.38 12.54
N ARG B 77 -6.91 -3.50 13.53
CA ARG B 77 -7.87 -3.68 14.59
C ARG B 77 -9.30 -3.67 14.01
N PHE B 78 -9.55 -2.71 13.10
CA PHE B 78 -10.81 -2.61 12.35
C PHE B 78 -11.07 -3.91 11.59
N ALA B 79 -10.09 -4.35 10.81
CA ALA B 79 -10.23 -5.58 10.00
C ALA B 79 -10.49 -6.81 10.87
N LEU B 80 -9.76 -6.93 11.97
CA LEU B 80 -9.98 -8.06 12.87
C LEU B 80 -11.35 -8.00 13.51
N ALA B 81 -11.75 -6.80 13.92
CA ALA B 81 -13.07 -6.58 14.48
C ALA B 81 -14.17 -7.02 13.52
N GLU B 82 -14.04 -6.61 12.26
CA GLU B 82 -15.03 -6.92 11.25
C GLU B 82 -15.05 -8.43 11.00
N SER B 83 -13.88 -9.05 11.09
CA SER B 83 -13.76 -10.48 10.86
C SER B 83 -14.52 -11.27 11.92
N PHE B 84 -14.70 -10.69 13.09
CA PHE B 84 -15.44 -11.38 14.14
C PHE B 84 -16.89 -10.88 14.23
N GLY B 85 -17.34 -10.18 13.19
CA GLY B 85 -18.74 -9.80 13.07
C GLY B 85 -19.21 -8.50 13.73
N ILE B 86 -18.29 -7.67 14.24
CA ILE B 86 -18.67 -6.35 14.73
C ILE B 86 -19.23 -5.53 13.56
N ASP B 87 -20.33 -4.81 13.82
CA ASP B 87 -21.06 -4.03 12.82
C ASP B 87 -20.60 -2.56 12.78
N GLY B 88 -20.19 -2.07 13.93
CA GLY B 88 -19.72 -0.70 14.05
C GLY B 88 -18.55 -0.57 15.00
N VAL B 89 -17.51 0.15 14.57
CA VAL B 89 -16.45 0.59 15.48
C VAL B 89 -16.53 2.10 15.75
N LEU B 90 -16.68 2.45 17.02
CA LEU B 90 -16.63 3.84 17.46
C LEU B 90 -15.25 4.15 18.04
N VAL B 91 -14.48 5.02 17.38
CA VAL B 91 -13.13 5.36 17.85
C VAL B 91 -13.16 6.62 18.70
N ILE B 92 -12.88 6.48 19.99
CA ILE B 92 -12.84 7.59 20.94
C ILE B 92 -11.43 8.14 21.05
N ASP B 93 -11.29 9.45 20.92
CA ASP B 93 -10.03 10.13 21.20
C ASP B 93 -10.15 10.79 22.58
N PHE B 94 -9.42 10.30 23.58
CA PHE B 94 -9.53 10.86 24.94
C PHE B 94 -9.09 12.33 25.08
N THR B 95 -8.32 12.86 24.13
CA THR B 95 -7.98 14.29 24.10
C THR B 95 -9.19 15.13 23.65
N ARG B 96 -10.21 14.46 23.13
CA ARG B 96 -11.39 15.11 22.54
C ARG B 96 -12.68 14.89 23.35
N GLU B 97 -12.85 13.71 23.93
CA GLU B 97 -14.06 13.45 24.72
C GLU B 97 -13.96 12.32 25.74
N LEU B 98 -14.97 12.25 26.62
CA LEU B 98 -15.15 11.20 27.63
C LEU B 98 -14.04 11.14 28.70
N SER B 99 -13.35 12.26 28.88
CA SER B 99 -12.19 12.31 29.77
C SER B 99 -12.46 12.88 31.15
N GLY B 100 -13.02 14.08 31.20
CA GLY B 100 -13.36 14.71 32.47
C GLY B 100 -14.72 14.25 32.96
N THR B 101 -15.27 13.26 32.27
CA THR B 101 -16.61 12.77 32.52
C THR B 101 -16.67 11.83 33.72
N SER B 102 -17.72 11.96 34.53
CA SER B 102 -17.92 11.10 35.68
C SER B 102 -18.50 9.75 35.24
N PRO B 103 -18.30 8.69 36.05
CA PRO B 103 -18.84 7.38 35.70
C PRO B 103 -20.31 7.46 35.26
N GLU B 104 -21.11 8.18 36.04
CA GLU B 104 -22.55 8.35 35.78
C GLU B 104 -22.78 9.00 34.43
N LYS B 105 -22.03 10.06 34.15
CA LYS B 105 -22.14 10.85 32.93
C LYS B 105 -21.70 10.07 31.69
N TYR B 106 -20.61 9.31 31.85
CA TYR B 106 -20.06 8.42 30.84
C TYR B 106 -21.11 7.43 30.33
N VAL B 107 -21.83 6.81 31.26
CA VAL B 107 -22.86 5.85 30.91
C VAL B 107 -23.98 6.51 30.10
N GLU B 108 -24.53 7.62 30.60
CA GLU B 108 -25.68 8.26 29.97
C GLU B 108 -25.35 8.75 28.56
N PHE B 109 -24.24 9.49 28.44
CA PHE B 109 -23.80 10.08 27.18
C PHE B 109 -23.37 9.07 26.11
N LEU B 110 -22.39 8.22 26.44
CA LEU B 110 -21.89 7.21 25.51
C LEU B 110 -22.88 6.05 25.30
N LEU B 111 -23.22 5.35 26.38
CA LEU B 111 -23.97 4.10 26.28
C LEU B 111 -25.45 4.30 25.94
N GLU B 112 -26.08 5.31 26.55
CA GLU B 112 -27.49 5.59 26.22
C GLU B 112 -27.66 6.56 25.06
N ASP B 113 -27.28 7.82 25.26
CA ASP B 113 -27.51 8.89 24.29
C ASP B 113 -26.91 8.62 22.92
N THR B 114 -25.63 8.28 22.91
CA THR B 114 -24.93 8.03 21.65
C THR B 114 -25.31 6.66 21.07
N LEU B 115 -25.19 5.60 21.85
CA LEU B 115 -25.22 4.27 21.25
C LEU B 115 -26.55 3.55 21.41
N HIS B 116 -27.37 4.02 22.36
CA HIS B 116 -28.68 3.42 22.65
C HIS B 116 -28.56 1.94 22.91
N ALA B 117 -27.73 1.59 23.87
CA ALA B 117 -27.40 0.20 24.12
C ALA B 117 -28.36 -0.51 25.05
N SER B 118 -28.75 -1.72 24.68
CA SER B 118 -29.55 -2.61 25.51
C SER B 118 -28.70 -3.67 26.20
N HIS B 119 -27.50 -3.90 25.67
CA HIS B 119 -26.53 -4.84 26.26
C HIS B 119 -25.14 -4.23 26.23
N VAL B 120 -24.33 -4.55 27.25
CA VAL B 120 -22.92 -4.13 27.23
C VAL B 120 -22.06 -5.28 27.72
N VAL B 121 -20.84 -5.38 27.18
CA VAL B 121 -19.91 -6.47 27.48
C VAL B 121 -18.51 -5.92 27.69
N VAL B 122 -17.96 -6.14 28.88
CA VAL B 122 -16.67 -5.60 29.27
C VAL B 122 -15.84 -6.64 30.03
N GLY B 123 -14.54 -6.40 30.14
CA GLY B 123 -13.64 -7.29 30.87
C GLY B 123 -13.65 -6.94 32.34
N ALA B 124 -13.37 -7.91 33.19
CA ALA B 124 -13.35 -7.68 34.64
C ALA B 124 -12.39 -6.55 35.06
N ASN B 125 -11.36 -6.32 34.24
CA ASN B 125 -10.38 -5.26 34.48
C ASN B 125 -10.82 -3.89 33.94
N PHE B 126 -12.06 -3.82 33.45
CA PHE B 126 -12.55 -2.62 32.81
C PHE B 126 -12.68 -1.43 33.76
N THR B 127 -12.04 -0.32 33.39
CA THR B 127 -12.21 0.96 34.09
C THR B 127 -12.61 2.10 33.16
N PHE B 128 -13.54 2.94 33.60
CA PHE B 128 -14.08 4.01 32.76
C PHE B 128 -14.30 5.32 33.49
N GLY B 129 -14.12 6.43 32.76
CA GLY B 129 -14.42 7.76 33.27
C GLY B 129 -13.27 8.37 34.04
N GLU B 130 -13.44 9.64 34.42
CA GLU B 130 -12.38 10.43 35.04
C GLU B 130 -11.70 9.69 36.18
N ASN B 131 -10.37 9.71 36.14
CA ASN B 131 -9.51 9.01 37.12
C ASN B 131 -9.79 7.51 37.28
N ALA B 132 -10.23 6.87 36.20
CA ALA B 132 -10.56 5.44 36.18
C ALA B 132 -11.41 4.97 37.37
N ALA B 133 -12.26 5.87 37.86
CA ALA B 133 -13.11 5.63 39.04
C ALA B 133 -14.08 4.48 38.82
N GLY B 134 -14.70 4.44 37.64
CA GLY B 134 -15.65 3.39 37.28
C GLY B 134 -14.95 2.06 37.05
N THR B 135 -15.53 1.00 37.61
CA THR B 135 -14.98 -0.34 37.49
C THR B 135 -16.07 -1.25 36.95
N ALA B 136 -15.73 -2.53 36.77
CA ALA B 136 -16.70 -3.52 36.29
C ALA B 136 -17.98 -3.52 37.13
N ASP B 137 -17.83 -3.24 38.43
CA ASP B 137 -18.96 -3.18 39.36
C ASP B 137 -19.81 -1.93 39.17
N SER B 138 -19.16 -0.76 39.18
CA SER B 138 -19.82 0.51 38.95
C SER B 138 -20.81 0.38 37.80
N LEU B 139 -20.36 -0.26 36.72
CA LEU B 139 -21.13 -0.39 35.50
C LEU B 139 -22.47 -1.08 35.73
N ARG B 140 -22.45 -2.18 36.48
CA ARG B 140 -23.65 -2.96 36.74
C ARG B 140 -24.72 -2.19 37.54
N GLN B 141 -24.28 -1.49 38.60
CA GLN B 141 -25.19 -0.69 39.44
C GLN B 141 -25.80 0.54 38.73
N ILE B 142 -25.02 1.18 37.86
CA ILE B 142 -25.50 2.36 37.16
C ILE B 142 -26.48 2.02 36.04
N CYS B 143 -26.34 0.82 35.47
CA CYS B 143 -27.12 0.43 34.28
C CYS B 143 -28.48 -0.24 34.54
N GLN B 144 -28.84 -0.44 35.81
CA GLN B 144 -30.02 -1.24 36.20
C GLN B 144 -31.31 -0.93 35.43
N SER B 145 -31.95 -2.00 34.95
CA SER B 145 -33.24 -1.96 34.22
C SER B 145 -33.16 -1.39 32.80
N ARG B 146 -32.12 -0.61 32.55
CA ARG B 146 -31.90 0.07 31.27
C ARG B 146 -31.17 -0.85 30.29
N LEU B 147 -30.04 -1.41 30.73
CA LEU B 147 -29.29 -2.36 29.90
C LEU B 147 -28.58 -3.48 30.69
N THR B 148 -28.68 -4.69 30.15
CA THR B 148 -28.01 -5.86 30.69
C THR B 148 -26.47 -5.81 30.55
N VAL B 149 -25.77 -6.03 31.66
CA VAL B 149 -24.31 -5.98 31.73
C VAL B 149 -23.71 -7.38 31.95
N ASP B 150 -22.76 -7.74 31.10
CA ASP B 150 -22.12 -9.05 31.13
C ASP B 150 -20.62 -8.85 31.34
N VAL B 151 -20.17 -9.10 32.56
CA VAL B 151 -18.75 -8.96 32.86
C VAL B 151 -18.02 -10.30 32.69
N ILE B 152 -16.91 -10.24 31.95
CA ILE B 152 -16.17 -11.44 31.57
C ILE B 152 -14.75 -11.42 32.14
N ASP B 153 -14.41 -12.52 32.83
CA ASP B 153 -13.10 -12.71 33.44
C ASP B 153 -12.01 -12.70 32.39
N LEU B 154 -10.86 -12.16 32.77
CA LEU B 154 -9.70 -12.21 31.91
C LEU B 154 -9.36 -13.67 31.61
N LEU B 155 -8.99 -13.93 30.35
CA LEU B 155 -8.73 -15.30 29.90
C LEU B 155 -7.43 -15.86 30.46
N ASP B 156 -7.56 -16.93 31.25
CA ASP B 156 -6.43 -17.76 31.66
C ASP B 156 -6.51 -19.08 30.94
N ASP B 157 -5.36 -19.51 30.43
CA ASP B 157 -5.27 -20.77 29.70
C ASP B 157 -3.86 -21.28 29.84
N GLU B 158 -3.72 -22.54 30.23
CA GLU B 158 -2.40 -23.18 30.41
C GLU B 158 -1.50 -22.41 31.41
N GLY B 159 -2.14 -21.85 32.45
CA GLY B 159 -1.42 -21.13 33.50
C GLY B 159 -0.90 -19.77 33.09
N VAL B 160 -1.30 -19.36 31.89
CA VAL B 160 -0.87 -18.10 31.30
C VAL B 160 -2.09 -17.21 31.13
N ARG B 161 -1.97 -16.00 31.65
CA ARG B 161 -2.94 -14.94 31.41
C ARG B 161 -2.79 -14.42 29.96
N ILE B 162 -3.90 -14.30 29.23
CA ILE B 162 -3.82 -13.83 27.86
C ILE B 162 -4.26 -12.38 27.79
N SER B 163 -3.30 -11.50 27.61
CA SER B 163 -3.54 -10.06 27.60
C SER B 163 -2.63 -9.40 26.55
N SER B 164 -2.90 -8.12 26.22
CA SER B 164 -2.02 -7.38 25.29
C SER B 164 -0.61 -7.42 25.84
N THR B 165 -0.50 -7.20 27.15
CA THR B 165 0.78 -7.21 27.85
C THR B 165 1.57 -8.49 27.63
N THR B 166 0.96 -9.65 27.88
CA THR B 166 1.71 -10.90 27.72
C THR B 166 2.06 -11.16 26.27
N VAL B 167 1.12 -10.88 25.36
CA VAL B 167 1.42 -10.97 23.93
C VAL B 167 2.67 -10.13 23.57
N ARG B 168 2.73 -8.89 24.04
CA ARG B 168 3.90 -8.02 23.81
C ARG B 168 5.19 -8.63 24.34
N GLU B 169 5.10 -9.18 25.55
CA GLU B 169 6.18 -9.92 26.19
C GLU B 169 6.64 -11.07 25.30
N PHE B 170 5.70 -11.93 24.88
CA PHE B 170 6.03 -13.06 23.99
C PHE B 170 6.76 -12.59 22.74
N LEU B 171 6.19 -11.56 22.09
CA LEU B 171 6.74 -11.04 20.84
C LEU B 171 8.16 -10.56 21.06
N SER B 172 8.34 -9.78 22.13
CA SER B 172 9.60 -9.15 22.47
C SER B 172 10.78 -10.11 22.64
N GLU B 173 10.51 -11.29 23.21
CA GLU B 173 11.52 -12.36 23.39
C GLU B 173 11.74 -13.22 22.15
N GLY B 174 10.92 -13.04 21.12
CA GLY B 174 11.03 -13.84 19.92
C GLY B 174 10.20 -15.09 19.96
N ASP B 175 9.36 -15.20 20.97
CA ASP B 175 8.51 -16.37 21.09
C ASP B 175 7.20 -16.14 20.35
N VAL B 176 7.23 -16.26 19.01
CA VAL B 176 6.03 -16.05 18.21
C VAL B 176 5.03 -17.17 18.34
N ALA B 177 5.52 -18.38 18.63
CA ALA B 177 4.64 -19.52 18.86
C ALA B 177 3.67 -19.28 20.01
N ARG B 178 4.17 -18.72 21.12
CA ARG B 178 3.30 -18.39 22.26
C ARG B 178 2.42 -17.18 21.96
N ALA B 179 2.96 -16.20 21.25
CA ALA B 179 2.17 -15.05 20.81
C ALA B 179 1.00 -15.52 19.93
N ASN B 180 1.29 -16.35 18.95
CA ASN B 180 0.25 -16.88 18.08
C ASN B 180 -0.79 -17.64 18.88
N TRP B 181 -0.34 -18.44 19.83
CA TRP B 181 -1.23 -19.24 20.65
C TRP B 181 -2.18 -18.37 21.45
N ALA B 182 -1.67 -17.26 22.00
CA ALA B 182 -2.48 -16.29 22.74
C ALA B 182 -3.39 -15.45 21.83
N LEU B 183 -2.96 -15.24 20.59
CA LEU B 183 -3.73 -14.46 19.62
C LEU B 183 -4.86 -15.29 18.97
N GLY B 184 -4.64 -16.58 18.80
CA GLY B 184 -5.58 -17.43 18.06
C GLY B 184 -5.33 -17.41 16.57
N ARG B 185 -4.21 -16.81 16.18
CA ARG B 185 -3.77 -16.79 14.78
C ARG B 185 -2.26 -16.52 14.70
N HIS B 186 -1.69 -16.67 13.51
CA HIS B 186 -0.34 -16.23 13.22
C HIS B 186 -0.27 -14.73 13.39
N PHE B 187 0.69 -14.30 14.21
CA PHE B 187 1.00 -12.87 14.27
C PHE B 187 1.45 -12.41 12.88
N TYR B 188 1.09 -11.19 12.53
CA TYR B 188 1.44 -10.68 11.21
C TYR B 188 1.66 -9.17 11.18
N VAL B 189 2.43 -8.74 10.20
CA VAL B 189 2.48 -7.35 9.82
C VAL B 189 2.15 -7.22 8.34
N THR B 190 1.63 -6.06 7.98
CA THR B 190 1.26 -5.75 6.61
C THR B 190 1.93 -4.46 6.17
N GLY B 191 2.37 -4.40 4.90
CA GLY B 191 3.16 -3.28 4.44
C GLY B 191 3.55 -3.32 2.97
N PRO B 192 3.80 -2.13 2.38
CA PRO B 192 4.29 -2.10 1.01
C PRO B 192 5.73 -2.58 0.99
N VAL B 193 6.07 -3.36 -0.04
CA VAL B 193 7.44 -3.77 -0.26
C VAL B 193 8.22 -2.57 -0.82
N VAL B 194 9.39 -2.32 -0.24
CA VAL B 194 10.28 -1.27 -0.72
C VAL B 194 11.42 -1.87 -1.53
N ARG B 195 12.23 -1.00 -2.13
CA ARG B 195 13.40 -1.41 -2.91
C ARG B 195 14.46 -1.90 -1.93
N GLY B 196 15.11 -3.00 -2.27
CA GLY B 196 16.11 -3.56 -1.36
C GLY B 196 17.47 -2.95 -1.61
N ALA B 197 18.45 -3.83 -1.78
CA ALA B 197 19.77 -3.45 -2.26
C ALA B 197 19.72 -3.27 -3.78
N GLY B 198 18.57 -3.60 -4.36
CA GLY B 198 18.38 -3.64 -5.80
C GLY B 198 17.32 -4.64 -6.22
N ARG B 199 17.12 -4.73 -7.53
CA ARG B 199 16.06 -5.53 -8.12
C ARG B 199 16.59 -6.88 -8.58
N GLY B 200 15.76 -7.91 -8.43
CA GLY B 200 16.10 -9.28 -8.83
C GLY B 200 17.19 -9.87 -7.96
N GLU B 203 19.38 -11.63 -7.20
CA GLU B 203 19.00 -12.79 -6.40
C GLU B 203 20.22 -13.60 -5.91
N LEU B 204 21.41 -13.01 -6.03
CA LEU B 204 22.51 -13.45 -5.15
C LEU B 204 22.57 -12.52 -3.95
N GLY B 205 21.98 -13.00 -2.85
CA GLY B 205 21.83 -12.24 -1.62
C GLY B 205 20.40 -11.79 -1.38
N TRP B 206 19.88 -10.99 -2.32
CA TRP B 206 18.62 -10.24 -2.15
C TRP B 206 17.45 -11.07 -1.67
N PRO B 207 16.67 -10.53 -0.72
CA PRO B 207 15.38 -11.06 -0.31
C PRO B 207 14.34 -11.04 -1.44
N THR B 208 13.25 -11.78 -1.28
CA THR B 208 12.14 -11.68 -2.20
C THR B 208 11.48 -10.31 -1.98
N ALA B 209 11.56 -9.81 -0.74
CA ALA B 209 10.84 -8.61 -0.35
C ALA B 209 11.45 -7.94 0.88
N ASN B 210 11.42 -6.61 0.86
CA ASN B 210 11.91 -5.77 1.93
C ASN B 210 10.82 -4.87 2.49
N GLN B 211 10.69 -4.82 3.82
CA GLN B 211 9.71 -3.96 4.46
C GLN B 211 10.31 -3.21 5.63
N TYR B 212 9.84 -1.99 5.86
CA TYR B 212 10.25 -1.23 7.03
C TYR B 212 9.04 -0.85 7.84
N PHE B 213 9.25 -0.75 9.16
CA PHE B 213 8.16 -0.47 10.09
C PHE B 213 8.57 0.59 11.10
N HIS B 214 7.61 1.43 11.47
CA HIS B 214 7.87 2.47 12.45
C HIS B 214 8.14 1.91 13.81
N ASP B 215 8.62 2.76 14.72
CA ASP B 215 9.01 2.26 16.05
C ASP B 215 7.83 2.04 17.01
N THR B 216 6.63 2.40 16.59
CA THR B 216 5.42 2.13 17.35
C THR B 216 4.85 0.73 17.08
N VAL B 217 5.42 0.03 16.09
CA VAL B 217 4.91 -1.27 15.65
C VAL B 217 5.59 -2.39 16.42
N ALA B 218 4.80 -3.28 17.03
CA ALA B 218 5.36 -4.40 17.76
C ALA B 218 5.94 -5.44 16.81
N LEU B 219 7.19 -5.78 17.03
CA LEU B 219 7.82 -6.78 16.18
C LEU B 219 8.49 -7.83 17.05
N PRO B 220 8.58 -9.07 16.52
CA PRO B 220 9.33 -10.09 17.19
C PRO B 220 10.76 -9.62 17.38
N ALA B 221 11.45 -10.09 18.42
CA ALA B 221 12.87 -9.82 18.59
C ALA B 221 13.63 -10.03 17.26
N ASP B 222 14.64 -9.20 17.03
CA ASP B 222 15.59 -9.40 15.93
C ASP B 222 15.98 -10.86 15.85
N GLY B 223 15.96 -11.42 14.65
CA GLY B 223 16.27 -12.84 14.44
C GLY B 223 15.70 -13.38 13.15
N VAL B 224 15.78 -14.69 12.96
CA VAL B 224 15.18 -15.33 11.81
C VAL B 224 14.00 -16.18 12.25
N TYR B 225 12.97 -16.17 11.42
CA TYR B 225 11.73 -16.85 11.72
C TYR B 225 11.23 -17.61 10.51
N ALA B 226 10.41 -18.62 10.76
CA ALA B 226 9.69 -19.30 9.70
C ALA B 226 8.36 -18.59 9.63
N GLY B 227 7.80 -18.48 8.43
CA GLY B 227 6.53 -17.80 8.27
C GLY B 227 6.00 -17.93 6.88
N TRP B 228 4.88 -17.24 6.63
CA TRP B 228 4.25 -17.20 5.33
C TRP B 228 4.12 -15.79 4.85
N LEU B 229 4.35 -15.58 3.57
CA LEU B 229 4.15 -14.30 2.95
C LEU B 229 3.00 -14.41 1.97
N THR B 230 2.11 -13.42 1.98
CA THR B 230 0.98 -13.37 1.04
C THR B 230 0.98 -12.02 0.33
N ILE B 231 0.92 -12.06 -1.00
CA ILE B 231 0.78 -10.86 -1.79
C ILE B 231 -0.68 -10.48 -1.73
N LEU B 232 -0.95 -9.29 -1.19
CA LEU B 232 -2.31 -8.87 -0.95
C LEU B 232 -3.01 -8.68 -2.30
N PRO B 233 -4.34 -8.85 -2.34
CA PRO B 233 -5.06 -8.89 -3.62
C PRO B 233 -4.70 -7.72 -4.53
N THR B 234 -4.52 -8.04 -5.82
CA THR B 234 -4.06 -7.05 -6.77
C THR B 234 -4.16 -7.54 -8.21
N GLU B 235 -4.44 -6.62 -9.12
CA GLU B 235 -4.39 -6.92 -10.55
C GLU B 235 -3.04 -6.49 -11.16
N ALA B 236 -2.24 -5.75 -10.37
CA ALA B 236 -0.88 -5.40 -10.76
C ALA B 236 -0.05 -6.67 -10.98
N PRO B 237 0.77 -6.70 -12.07
CA PRO B 237 1.64 -7.84 -12.38
C PRO B 237 2.76 -8.08 -11.33
N VAL B 238 3.15 -9.35 -11.20
CA VAL B 238 4.13 -9.78 -10.23
C VAL B 238 5.36 -10.24 -11.01
N SER B 239 6.52 -9.70 -10.68
CA SER B 239 7.74 -10.16 -11.29
C SER B 239 8.10 -11.47 -10.62
N GLY B 240 8.15 -12.54 -11.41
CA GLY B 240 8.52 -13.85 -10.93
C GLY B 240 7.34 -14.77 -10.82
N ASN B 241 7.59 -15.95 -10.25
CA ASN B 241 6.62 -17.02 -10.27
C ASN B 241 5.84 -17.14 -8.96
N MET B 242 5.15 -16.05 -8.60
CA MET B 242 4.30 -16.00 -7.41
C MET B 242 2.95 -15.43 -7.74
N GLU B 243 1.89 -16.04 -7.20
CA GLU B 243 0.49 -15.55 -7.36
C GLU B 243 0.13 -14.66 -6.17
N PRO B 244 -0.78 -13.68 -6.37
CA PRO B 244 -1.36 -13.05 -5.19
C PRO B 244 -2.25 -14.03 -4.41
N GLU B 245 -2.56 -13.71 -3.15
CA GLU B 245 -3.55 -14.44 -2.35
C GLU B 245 -3.20 -15.90 -2.04
N VAL B 246 -1.95 -16.27 -2.28
CA VAL B 246 -1.44 -17.56 -1.85
C VAL B 246 -0.36 -17.31 -0.79
N ALA B 247 -0.47 -18.01 0.33
CA ALA B 247 0.59 -17.97 1.34
C ALA B 247 1.80 -18.78 0.87
N TYR B 248 2.94 -18.13 0.76
CA TYR B 248 4.18 -18.80 0.37
C TYR B 248 5.11 -18.95 1.56
N ALA B 249 5.66 -20.14 1.73
CA ALA B 249 6.67 -20.42 2.75
C ALA B 249 7.84 -19.47 2.62
N ALA B 250 8.27 -18.89 3.73
CA ALA B 250 9.43 -17.98 3.73
C ALA B 250 10.22 -18.06 5.00
N ALA B 251 11.53 -17.83 4.88
CA ALA B 251 12.36 -17.60 6.03
C ALA B 251 12.42 -16.07 6.19
N ILE B 252 12.13 -15.58 7.39
CA ILE B 252 11.89 -14.15 7.58
C ILE B 252 12.90 -13.58 8.54
N SER B 253 13.61 -12.56 8.09
CA SER B 253 14.62 -11.96 8.93
C SER B 253 14.18 -10.59 9.43
N VAL B 254 14.21 -10.42 10.75
CA VAL B 254 13.79 -9.19 11.39
C VAL B 254 15.04 -8.50 11.90
N GLY B 255 15.23 -7.26 11.46
CA GLY B 255 16.41 -6.50 11.85
C GLY B 255 16.08 -5.12 12.35
N THR B 256 17.08 -4.47 12.95
CA THR B 256 17.00 -3.07 13.33
C THR B 256 18.02 -2.31 12.47
N ASN B 257 17.76 -1.03 12.22
CA ASN B 257 18.68 -0.20 11.44
C ASN B 257 19.74 0.46 12.35
N PRO B 258 21.02 0.48 11.89
CA PRO B 258 22.16 1.10 12.61
C PRO B 258 21.81 2.34 13.45
N THR B 259 20.89 3.18 12.98
CA THR B 259 20.30 4.26 13.80
C THR B 259 18.86 4.57 13.38
N PHE B 260 18.68 5.45 12.38
CA PHE B 260 17.38 5.80 11.81
C PHE B 260 16.29 6.03 12.87
N GLN B 264 14.49 2.25 13.76
CA GLN B 264 13.61 1.72 12.73
C GLN B 264 13.85 0.21 12.53
N ARG B 265 12.78 -0.52 12.22
CA ARG B 265 12.84 -1.96 12.04
C ARG B 265 12.63 -2.38 10.60
N SER B 266 13.34 -3.43 10.17
CA SER B 266 13.15 -4.05 8.86
C SER B 266 12.68 -5.52 8.94
N VAL B 267 11.96 -5.96 7.91
CA VAL B 267 11.55 -7.34 7.75
C VAL B 267 11.95 -7.77 6.33
N GLU B 268 12.90 -8.68 6.22
CA GLU B 268 13.32 -9.22 4.91
C GLU B 268 12.82 -10.63 4.73
N SER B 269 12.15 -10.89 3.61
CA SER B 269 11.56 -12.19 3.35
C SER B 269 12.24 -12.93 2.23
N PHE B 270 12.76 -14.10 2.55
CA PHE B 270 13.36 -15.01 1.59
C PHE B 270 12.36 -16.13 1.30
N VAL B 271 11.58 -15.95 0.24
CA VAL B 271 10.55 -16.92 -0.14
C VAL B 271 11.21 -18.15 -0.74
N LEU B 272 10.85 -19.32 -0.19
CA LEU B 272 11.48 -20.60 -0.52
C LEU B 272 11.09 -21.06 -1.89
N ASP B 273 12.09 -21.49 -2.67
CA ASP B 273 11.92 -22.08 -4.01
C ASP B 273 11.22 -21.18 -5.03
N ARG B 274 11.39 -19.86 -4.88
CA ARG B 274 10.94 -18.90 -5.88
C ARG B 274 11.95 -17.80 -6.02
N ASP B 275 12.19 -17.34 -7.24
CA ASP B 275 12.70 -15.99 -7.36
C ASP B 275 11.65 -15.11 -7.97
N ALA B 276 11.39 -14.05 -7.24
CA ALA B 276 10.40 -13.07 -7.60
C ALA B 276 10.90 -11.77 -7.01
N ASP B 277 10.43 -10.67 -7.56
CA ASP B 277 10.70 -9.38 -6.96
C ASP B 277 9.37 -8.69 -6.69
N LEU B 278 9.11 -8.39 -5.43
CA LEU B 278 7.79 -7.96 -5.00
C LEU B 278 7.67 -6.47 -4.80
N TYR B 279 8.66 -5.70 -5.29
CA TYR B 279 8.63 -4.23 -5.22
C TYR B 279 7.32 -3.71 -5.81
N GLY B 280 6.64 -2.84 -5.08
CA GLY B 280 5.39 -2.28 -5.58
C GLY B 280 4.15 -2.90 -4.95
N HIS B 281 4.26 -4.12 -4.45
CA HIS B 281 3.10 -4.80 -3.88
C HIS B 281 2.90 -4.58 -2.41
N ASP B 282 1.67 -4.81 -1.96
CA ASP B 282 1.41 -4.94 -0.55
C ASP B 282 1.49 -6.41 -0.15
N VAL B 283 2.16 -6.65 0.96
CA VAL B 283 2.52 -7.98 1.38
C VAL B 283 2.19 -8.23 2.86
N LYS B 284 1.57 -9.37 3.14
CA LYS B 284 1.28 -9.78 4.52
C LYS B 284 2.32 -10.80 4.93
N VAL B 285 2.98 -10.57 6.06
CA VAL B 285 3.97 -11.52 6.56
C VAL B 285 3.55 -12.13 7.90
N GLU B 286 3.26 -13.43 7.88
CA GLU B 286 2.83 -14.20 9.06
C GLU B 286 3.99 -14.93 9.70
N PHE B 287 4.15 -14.79 11.01
CA PHE B 287 5.24 -15.45 11.73
C PHE B 287 4.75 -16.75 12.38
N VAL B 288 5.53 -17.81 12.19
CA VAL B 288 5.15 -19.13 12.70
C VAL B 288 5.97 -19.55 13.91
N ASP B 289 7.30 -19.55 13.76
CA ASP B 289 8.19 -20.04 14.82
C ASP B 289 9.56 -19.38 14.68
N HIS B 290 10.25 -19.19 15.80
CA HIS B 290 11.63 -18.70 15.84
C HIS B 290 12.60 -19.72 15.24
N VAL B 291 13.56 -19.25 14.43
CA VAL B 291 14.57 -20.15 13.81
C VAL B 291 15.96 -20.00 14.44
N ARG B 292 16.42 -18.76 14.61
CA ARG B 292 17.71 -18.47 15.24
C ARG B 292 17.83 -16.99 15.61
N ALA B 293 18.76 -16.69 16.50
CA ALA B 293 19.13 -15.30 16.79
C ALA B 293 19.93 -14.67 15.63
N MET B 294 20.04 -13.35 15.65
CA MET B 294 20.82 -12.60 14.68
C MET B 294 22.30 -12.98 14.74
N GLU B 295 22.97 -13.04 13.58
CA GLU B 295 24.43 -13.14 13.62
C GLU B 295 25.18 -12.23 12.62
N LYS B 296 26.45 -12.01 12.93
CA LYS B 296 27.35 -11.25 12.05
C LYS B 296 28.01 -12.20 11.05
N PHE B 297 28.20 -11.70 9.84
CA PHE B 297 28.86 -12.49 8.78
C PHE B 297 30.15 -11.83 8.28
N ASP B 298 31.15 -12.66 8.04
CA ASP B 298 32.48 -12.19 7.62
C ASP B 298 32.88 -12.71 6.24
N SER B 299 32.10 -13.66 5.72
CA SER B 299 32.37 -14.25 4.42
C SER B 299 31.09 -14.66 3.71
N VAL B 300 31.07 -14.50 2.39
CA VAL B 300 29.92 -14.88 1.58
C VAL B 300 29.54 -16.35 1.75
N GLU B 301 30.54 -17.23 1.82
CA GLU B 301 30.26 -18.66 1.95
C GLU B 301 29.45 -18.96 3.21
N GLN B 302 29.96 -18.49 4.34
CA GLN B 302 29.33 -18.61 5.65
C GLN B 302 27.84 -18.18 5.67
N LEU B 303 27.57 -17.00 5.12
CA LEU B 303 26.22 -16.47 5.01
C LEU B 303 25.30 -17.37 4.17
N LEU B 304 25.80 -17.88 3.04
CA LEU B 304 25.04 -18.79 2.17
C LEU B 304 24.79 -20.13 2.84
N GLU B 305 25.74 -20.53 3.68
CA GLU B 305 25.70 -21.80 4.39
C GLU B 305 24.58 -21.74 5.41
N VAL B 306 24.62 -20.69 6.24
CA VAL B 306 23.61 -20.43 7.24
C VAL B 306 22.23 -20.18 6.62
N MET B 307 22.22 -19.47 5.49
CA MET B 307 21.04 -19.23 4.67
C MET B 307 20.32 -20.54 4.33
N ALA B 308 21.10 -21.54 3.93
CA ALA B 308 20.58 -22.86 3.54
C ALA B 308 20.03 -23.59 4.76
N LYS B 309 20.68 -23.42 5.91
CA LYS B 309 20.20 -23.98 7.16
C LYS B 309 18.85 -23.37 7.61
N ASP B 310 18.70 -22.06 7.44
CA ASP B 310 17.43 -21.40 7.76
C ASP B 310 16.30 -21.95 6.88
N VAL B 311 16.61 -22.25 5.62
CA VAL B 311 15.63 -22.81 4.70
C VAL B 311 15.18 -24.20 5.15
N GLN B 312 16.12 -25.02 5.61
CA GLN B 312 15.78 -26.33 6.12
C GLN B 312 14.94 -26.27 7.41
N LYS B 313 15.42 -25.54 8.42
CA LYS B 313 14.66 -25.29 9.66
C LYS B 313 13.25 -24.80 9.37
N THR B 314 13.14 -23.83 8.46
CA THR B 314 11.84 -23.25 8.07
C THR B 314 10.96 -24.33 7.45
N ARG B 315 11.52 -25.06 6.49
CA ARG B 315 10.80 -26.12 5.80
C ARG B 315 10.13 -27.10 6.79
N THR B 316 10.88 -27.50 7.81
CA THR B 316 10.43 -28.43 8.84
C THR B 316 9.32 -27.81 9.72
N LEU B 317 9.63 -26.66 10.33
CA LEU B 317 8.68 -25.95 11.20
C LEU B 317 7.35 -25.65 10.52
N LEU B 318 7.42 -25.33 9.23
CA LEU B 318 6.23 -25.01 8.46
C LEU B 318 5.44 -26.25 8.15
N ALA B 319 6.14 -27.36 7.95
CA ALA B 319 5.50 -28.67 7.74
C ALA B 319 4.64 -29.04 8.95
N GLN B 320 5.17 -28.79 10.15
CA GLN B 320 4.42 -29.02 11.39
C GLN B 320 3.21 -28.07 11.50
N ASP B 321 3.42 -26.79 11.20
CA ASP B 321 2.36 -25.79 11.17
C ASP B 321 1.20 -26.15 10.22
N VAL B 322 1.51 -26.71 9.05
CA VAL B 322 0.46 -27.20 8.15
C VAL B 322 -0.36 -28.35 8.76
N GLN B 323 0.31 -29.26 9.47
CA GLN B 323 -0.34 -30.40 10.14
C GLN B 323 -1.19 -29.97 11.32
N ALA B 324 -0.68 -29.03 12.11
CA ALA B 324 -1.43 -28.44 13.23
C ALA B 324 -2.60 -27.65 12.70
N HIS B 325 -2.80 -27.75 11.38
CA HIS B 325 -3.85 -27.08 10.58
C HIS B 325 -4.48 -25.81 11.10
N LYS B 326 -4.96 -25.84 12.34
CA LYS B 326 -5.76 -24.76 12.96
C LYS B 326 -5.33 -23.33 12.68
N MET B 327 -4.03 -23.09 12.49
CA MET B 327 -3.53 -21.73 12.23
C MET B 327 -3.02 -21.45 10.80
N ALA B 328 -2.66 -22.50 10.07
CA ALA B 328 -2.18 -22.39 8.69
C ALA B 328 -3.25 -21.84 7.74
N PRO B 329 -2.83 -21.36 6.55
CA PRO B 329 -3.77 -20.76 5.59
C PRO B 329 -4.41 -21.77 4.63
N GLU B 330 -5.60 -21.44 4.13
CA GLU B 330 -6.37 -22.33 3.24
C GLU B 330 -5.55 -22.76 2.01
N THR B 331 -5.04 -21.77 1.28
CA THR B 331 -4.17 -22.02 0.14
C THR B 331 -2.78 -21.51 0.44
N TYR B 332 -1.79 -22.34 0.15
CA TYR B 332 -0.42 -22.07 0.49
C TYR B 332 0.51 -22.77 -0.48
N PHE B 333 1.81 -22.58 -0.31
CA PHE B 333 2.80 -23.18 -1.17
C PHE B 333 4.01 -23.50 -0.31
N LEU B 334 4.37 -24.77 -0.31
CA LEU B 334 5.45 -25.30 0.49
C LEU B 334 5.94 -26.60 -0.14
N GLN B 335 7.24 -26.69 -0.37
CA GLN B 335 7.86 -27.88 -0.97
C GLN B 335 8.63 -28.66 0.10
N ALA B 336 8.60 -30.00 -0.01
CA ALA B 336 9.22 -30.88 0.96
C ALA B 336 10.75 -30.76 0.94
N GLU B 337 11.30 -30.57 -0.25
CA GLU B 337 12.73 -30.44 -0.44
C GLU B 337 12.99 -29.47 -1.59
N SER B 338 14.25 -29.05 -1.75
CA SER B 338 14.67 -28.04 -2.74
C SER B 338 14.36 -28.44 -4.19
O11 PPV C . 11.89 11.23 -23.62
P1 PPV C . 11.10 10.29 -24.50
O21 PPV C . 9.61 10.58 -24.48
O31 PPV C . 11.63 10.20 -25.92
OPP PPV C . 11.24 8.79 -23.84
P2 PPV C . 12.43 7.66 -24.03
O12 PPV C . 11.78 6.36 -23.59
O22 PPV C . 13.60 8.07 -23.17
O32 PPV C . 12.74 7.68 -25.50
S SO4 D . -1.01 2.88 13.16
O1 SO4 D . -1.07 2.70 11.68
O2 SO4 D . -0.57 4.26 13.43
O3 SO4 D . -0.08 1.91 13.78
O4 SO4 D . -2.33 2.67 13.80
S SO4 E . 9.53 4.46 -7.61
O1 SO4 E . 9.86 4.09 -9.00
O2 SO4 E . 10.62 4.09 -6.69
O3 SO4 E . 8.35 3.66 -7.17
O4 SO4 E . 9.27 5.92 -7.49
O11 PPV F . -5.13 -5.25 28.14
P1 PPV F . -6.13 -6.25 27.57
O21 PPV F . -5.44 -7.31 26.73
O31 PPV F . -7.06 -6.86 28.60
OPP PPV F . -7.08 -5.35 26.56
P2 PPV F . -7.93 -3.98 26.90
O12 PPV F . -8.83 -3.75 25.72
O22 PPV F . -6.89 -2.87 27.11
O32 PPV F . -8.72 -4.30 28.14
#